data_6WO1
#
_entry.id   6WO1
#
_cell.length_a   195.679
_cell.length_b   195.679
_cell.length_c   195.679
_cell.angle_alpha   90.000
_cell.angle_beta   90.000
_cell.angle_gamma   90.000
#
_symmetry.space_group_name_H-M   'P 4 3 2'
#
loop_
_entity.id
_entity.type
_entity.pdbx_description
1 polymer 'Acetohydroxyacid synthase catalytic subunit'
2 polymer 'Acetohydroxyacid synthase regulatory subunit'
3 non-polymer 'FLAVIN-ADENINE DINUCLEOTIDE'
4 non-polymer 2-methylpyrimidin-4-amine
5 non-polymer DIPHOSPHATE
6 non-polymer 'MAGNESIUM ION'
7 non-polymer VALINE
#
loop_
_entity_poly.entity_id
_entity_poly.type
_entity_poly.pdbx_seq_one_letter_code
_entity_poly.pdbx_strand_id
1 'polypeptide(L)'
;MLTRQARLLRRIPPPNAVLQSGLQRRHRSTDRYSNNIHTSSTQNAPAPVYDTPIREKGMTLEAKERVRAHVRKIQSSAST
AAASPAVRPQPAQHFQAAPQPMPTNMPRFESDSQVKNGLDYSFIGLSGGQIFQEMMLRHDVKQVFGYPGGAILPVFDAIY
NSPHFEFVLPRHEQGAGHMAEGYARVSGKPGVVLVTSGPGATNVITPMQDALSDGVPMVVFCGQVATNLIGSDAFQEADV
VGISRSCTKWNVMVKDIAELPRRINEAFKIATTGRPGPVLVDLPKDVTAAILRTPIPAKSVQPGHSPYLPSNPLNPSSQP
SDPLPGDADLITEAAQMINKAKRPIIFAGNGVLSSPEGPKLLKELSDKGRIPVTTTLQGLGAFDERDEKSLHMIGMHGSA
YANFAMQEADVLIALGVRFDDRVTGKVDTFAPAAKAAAAEGRGGIIHFEIQPKNINKIVEGQIPVLGDVVASLGELVPQI
EAVDRSAWIGRCKATKERYPFTYTPSQEGQKLKPQEVVQELDRQAEALGKEKFVISTGVGQHQMWACQYYRWTEPRSWVS
SGGLGTMGFGLPSAIGAKVAAPEKYVIDIDGDASFSMTAMELATASQYDIGVKVLLFNNEFQGMVEQWQDLFYENRYSRT
RMTNPDFVKLSESMGAKGLRCTKLEDLPRMMKEFLEYDGKRPIVLECLVSSEHVYPMIPAGKALHEQLLHPLLRNGSE
;
A
2 'polypeptide(L)'
;MLRSLLQSGHRRVVASSCATMVRCSSSSTSALAYKQMHRHATRPPLPTLDTPSWNANSAVSSIIYETPAPSRQPRKQHVL
NCLVQNEPGVLSRVSGTLAARGFNIDSLVVCNTEVKDLSRMTIVLQGQDGVIEQARRQIEDLVPVYAVLDYTNSEIIKRE
LVMARISLLGTEYFEDLLLHHHTSTNAGAADSQELVAEIREKQFHPANLPASEVLRLKHEHLNDITNLTNNFGGRVVDIS
ETSCIVELSAKPTRISAFLKLVEPFGVLECARSGMMALPRTPLKTSTEEAADEDEKISEIVDISQLPPG
;
B
#
# COMPACT_ATOMS: atom_id res chain seq x y z
N GLY A 118 -5.23 -19.54 -33.52
CA GLY A 118 -4.56 -18.74 -32.51
C GLY A 118 -5.44 -17.67 -31.88
N LEU A 119 -6.70 -17.65 -32.28
CA LEU A 119 -7.69 -16.69 -31.79
C LEU A 119 -8.63 -17.37 -30.79
N ASP A 120 -9.01 -16.62 -29.75
CA ASP A 120 -9.94 -17.08 -28.72
C ASP A 120 -11.35 -16.58 -29.07
N TYR A 121 -12.28 -17.51 -29.17
CA TYR A 121 -13.67 -17.21 -29.53
C TYR A 121 -14.61 -17.25 -28.34
N SER A 122 -14.09 -17.34 -27.11
CA SER A 122 -14.97 -17.52 -25.96
C SER A 122 -15.90 -16.34 -25.78
N PHE A 123 -15.54 -15.18 -26.31
CA PHE A 123 -16.27 -13.95 -26.02
C PHE A 123 -16.90 -13.33 -27.26
N ILE A 124 -16.93 -14.05 -28.38
CA ILE A 124 -17.51 -13.48 -29.59
C ILE A 124 -19.02 -13.36 -29.43
N GLY A 125 -19.56 -12.21 -29.83
CA GLY A 125 -20.98 -11.95 -29.71
C GLY A 125 -21.47 -11.53 -28.34
N LEU A 126 -20.59 -11.47 -27.35
CA LEU A 126 -20.98 -11.11 -25.99
C LEU A 126 -20.82 -9.61 -25.76
N SER A 127 -21.75 -9.03 -25.02
CA SER A 127 -21.63 -7.63 -24.63
C SER A 127 -20.57 -7.49 -23.54
N GLY A 128 -20.29 -6.24 -23.17
CA GLY A 128 -19.30 -6.00 -22.14
C GLY A 128 -19.67 -6.63 -20.81
N GLY A 129 -20.94 -6.53 -20.42
CA GLY A 129 -21.38 -7.14 -19.17
C GLY A 129 -21.39 -8.65 -19.24
N GLN A 130 -21.65 -9.21 -20.43
CA GLN A 130 -21.60 -10.66 -20.58
C GLN A 130 -20.16 -11.16 -20.55
N ILE A 131 -19.26 -10.44 -21.22
CA ILE A 131 -17.83 -10.72 -21.07
C ILE A 131 -17.43 -10.62 -19.60
N PHE A 132 -17.99 -9.63 -18.91
CA PHE A 132 -17.60 -9.39 -17.52
C PHE A 132 -17.98 -10.57 -16.63
N GLN A 133 -19.25 -10.98 -16.66
CA GLN A 133 -19.70 -12.06 -15.78
C GLN A 133 -18.99 -13.37 -16.10
N GLU A 134 -18.63 -13.60 -17.36
CA GLU A 134 -17.81 -14.76 -17.68
C GLU A 134 -16.43 -14.62 -17.06
N MET A 135 -15.85 -13.43 -17.11
CA MET A 135 -14.54 -13.22 -16.50
C MET A 135 -14.61 -13.31 -14.98
N MET A 136 -15.75 -13.01 -14.39
CA MET A 136 -15.90 -13.18 -12.94
C MET A 136 -16.00 -14.65 -12.58
N LEU A 137 -16.73 -15.43 -13.37
CA LEU A 137 -16.82 -16.86 -13.14
C LEU A 137 -15.45 -17.52 -13.28
N ARG A 138 -14.64 -17.06 -14.23
CA ARG A 138 -13.33 -17.64 -14.44
C ARG A 138 -12.39 -17.40 -13.27
N HIS A 139 -12.74 -16.49 -12.36
CA HIS A 139 -11.95 -16.22 -11.17
C HIS A 139 -12.65 -16.64 -9.89
N ASP A 140 -13.61 -17.56 -9.99
CA ASP A 140 -14.29 -18.12 -8.81
C ASP A 140 -14.87 -17.01 -7.93
N VAL A 141 -15.36 -15.96 -8.57
CA VAL A 141 -15.96 -14.82 -7.88
C VAL A 141 -17.42 -15.16 -7.59
N LYS A 142 -17.75 -15.34 -6.31
CA LYS A 142 -19.11 -15.68 -5.92
C LYS A 142 -19.84 -14.55 -5.20
N GLN A 143 -19.12 -13.56 -4.67
CA GLN A 143 -19.71 -12.47 -3.91
C GLN A 143 -19.11 -11.16 -4.37
N VAL A 144 -19.95 -10.17 -4.67
CA VAL A 144 -19.51 -8.85 -5.09
C VAL A 144 -20.23 -7.81 -4.24
N PHE A 145 -19.60 -6.65 -4.10
CA PHE A 145 -20.14 -5.49 -3.39
C PHE A 145 -20.09 -4.28 -4.31
N GLY A 146 -21.12 -3.44 -4.28
CA GLY A 146 -21.10 -2.27 -5.12
C GLY A 146 -22.35 -1.44 -4.98
N TYR A 147 -22.50 -0.49 -5.92
CA TYR A 147 -23.52 0.54 -5.88
C TYR A 147 -23.76 0.98 -7.32
N PRO A 148 -25.01 1.15 -7.74
CA PRO A 148 -25.29 1.42 -9.15
C PRO A 148 -25.01 2.87 -9.53
N GLY A 149 -25.04 3.11 -10.84
CA GLY A 149 -24.83 4.41 -11.43
C GLY A 149 -24.90 4.36 -12.95
N GLY A 150 -25.33 5.46 -13.56
CA GLY A 150 -25.48 5.53 -15.01
C GLY A 150 -24.25 5.18 -15.82
N ALA A 151 -23.05 5.34 -15.25
CA ALA A 151 -21.81 5.06 -15.95
C ALA A 151 -21.37 3.61 -15.84
N ILE A 152 -22.10 2.77 -15.12
CA ILE A 152 -21.70 1.37 -14.95
C ILE A 152 -22.94 0.47 -15.04
N LEU A 153 -24.08 1.06 -15.39
CA LEU A 153 -25.31 0.28 -15.53
C LEU A 153 -25.18 -0.93 -16.45
N PRO A 154 -24.52 -0.86 -17.62
CA PRO A 154 -24.37 -2.08 -18.44
C PRO A 154 -23.66 -3.21 -17.71
N VAL A 155 -22.78 -2.91 -16.78
CA VAL A 155 -22.10 -3.94 -15.99
C VAL A 155 -22.88 -4.28 -14.73
N PHE A 156 -23.50 -3.27 -14.11
CA PHE A 156 -24.27 -3.49 -12.90
C PHE A 156 -25.46 -4.42 -13.16
N ASP A 157 -26.24 -4.13 -14.21
CA ASP A 157 -27.40 -4.96 -14.54
C ASP A 157 -27.00 -6.36 -15.00
N ALA A 158 -25.76 -6.55 -15.42
CA ALA A 158 -25.29 -7.85 -15.89
C ALA A 158 -24.87 -8.77 -14.74
N ILE A 159 -24.70 -8.24 -13.51
CA ILE A 159 -24.23 -9.00 -12.35
C ILE A 159 -25.32 -9.13 -11.29
N TYR A 160 -25.95 -8.01 -10.93
CA TYR A 160 -27.11 -8.05 -10.05
C TYR A 160 -28.11 -9.11 -10.49
N ASN A 161 -28.50 -9.10 -11.77
CA ASN A 161 -29.51 -10.02 -12.25
C ASN A 161 -28.97 -11.42 -12.54
N SER A 162 -27.67 -11.55 -12.76
CA SER A 162 -27.06 -12.86 -12.81
C SER A 162 -27.15 -13.53 -11.45
N PRO A 163 -27.58 -14.79 -11.40
CA PRO A 163 -27.65 -15.53 -10.13
C PRO A 163 -26.35 -16.19 -9.70
N HIS A 164 -25.32 -16.16 -10.56
CA HIS A 164 -24.02 -16.70 -10.16
C HIS A 164 -23.42 -15.90 -9.01
N PHE A 165 -23.63 -14.59 -9.02
CA PHE A 165 -23.04 -13.70 -8.02
C PHE A 165 -24.11 -13.19 -7.08
N GLU A 166 -23.88 -13.33 -5.79
CA GLU A 166 -24.66 -12.62 -4.79
C GLU A 166 -24.20 -11.16 -4.79
N PHE A 167 -25.15 -10.24 -4.88
CA PHE A 167 -24.86 -8.81 -4.87
C PHE A 167 -25.32 -8.22 -3.55
N VAL A 168 -24.50 -7.35 -2.97
CA VAL A 168 -24.83 -6.66 -1.74
C VAL A 168 -24.74 -5.17 -2.00
N LEU A 169 -25.83 -4.44 -1.73
CA LEU A 169 -25.91 -3.00 -1.96
C LEU A 169 -25.78 -2.28 -0.63
N PRO A 170 -24.61 -1.78 -0.27
CA PRO A 170 -24.46 -1.02 0.97
C PRO A 170 -25.02 0.38 0.81
N ARG A 171 -25.13 1.08 1.94
CA ARG A 171 -25.61 2.45 1.92
C ARG A 171 -24.54 3.44 1.47
N HIS A 172 -23.28 3.03 1.43
CA HIS A 172 -22.21 3.93 1.00
C HIS A 172 -21.13 3.12 0.30
N GLU A 173 -20.57 3.70 -0.77
CA GLU A 173 -19.52 3.01 -1.51
C GLU A 173 -18.29 2.77 -0.65
N GLN A 174 -18.07 3.57 0.40
CA GLN A 174 -16.98 3.26 1.33
C GLN A 174 -17.24 1.96 2.05
N GLY A 175 -18.49 1.72 2.46
CA GLY A 175 -18.83 0.45 3.06
C GLY A 175 -18.53 -0.73 2.14
N ALA A 176 -18.87 -0.60 0.86
CA ALA A 176 -18.60 -1.66 -0.09
C ALA A 176 -17.13 -2.05 -0.11
N GLY A 177 -16.25 -1.04 -0.09
CA GLY A 177 -14.82 -1.33 -0.07
C GLY A 177 -14.38 -2.00 1.21
N HIS A 178 -14.88 -1.52 2.35
CA HIS A 178 -14.56 -2.16 3.62
C HIS A 178 -15.24 -3.51 3.75
N MET A 179 -16.44 -3.66 3.19
CA MET A 179 -17.09 -4.97 3.19
C MET A 179 -16.30 -5.95 2.33
N ALA A 180 -15.72 -5.47 1.22
CA ALA A 180 -14.87 -6.34 0.42
C ALA A 180 -13.57 -6.65 1.14
N GLU A 181 -13.07 -5.71 1.96
CA GLU A 181 -11.87 -5.99 2.75
C GLU A 181 -12.10 -7.11 3.75
N GLY A 182 -13.15 -6.98 4.56
CA GLY A 182 -13.45 -8.03 5.53
C GLY A 182 -13.80 -9.34 4.87
N TYR A 183 -14.52 -9.29 3.76
CA TYR A 183 -14.79 -10.50 2.98
C TYR A 183 -13.48 -11.15 2.54
N ALA A 184 -12.53 -10.35 2.06
CA ALA A 184 -11.24 -10.89 1.63
C ALA A 184 -10.39 -11.40 2.78
N ARG A 185 -10.59 -10.90 4.00
CA ARG A 185 -9.79 -11.36 5.12
C ARG A 185 -10.25 -12.73 5.58
N VAL A 186 -11.56 -12.92 5.71
CA VAL A 186 -12.10 -14.22 6.09
C VAL A 186 -11.85 -15.25 4.99
N SER A 187 -12.42 -15.02 3.81
CA SER A 187 -12.18 -15.87 2.65
C SER A 187 -10.97 -15.31 1.92
N GLY A 188 -9.84 -15.97 2.07
CA GLY A 188 -8.59 -15.47 1.50
C GLY A 188 -8.63 -15.38 -0.01
N LYS A 189 -9.50 -14.53 -0.54
CA LYS A 189 -9.71 -14.36 -1.97
C LYS A 189 -10.14 -12.92 -2.20
N PRO A 190 -9.90 -12.38 -3.38
CA PRO A 190 -10.12 -10.93 -3.58
C PRO A 190 -11.57 -10.56 -3.44
N GLY A 191 -11.82 -9.46 -2.73
CA GLY A 191 -13.14 -8.89 -2.62
C GLY A 191 -13.41 -7.99 -3.81
N VAL A 192 -14.49 -8.25 -4.52
CA VAL A 192 -14.79 -7.54 -5.75
C VAL A 192 -15.71 -6.36 -5.45
N VAL A 193 -15.37 -5.19 -5.98
CA VAL A 193 -16.13 -3.97 -5.76
C VAL A 193 -16.59 -3.43 -7.11
N LEU A 194 -17.84 -2.95 -7.17
CA LEU A 194 -18.49 -2.53 -8.41
C LEU A 194 -19.24 -1.21 -8.16
N VAL A 195 -18.53 -0.10 -8.34
CA VAL A 195 -19.10 1.22 -8.08
C VAL A 195 -19.13 2.03 -9.38
N THR A 196 -19.92 3.09 -9.38
CA THR A 196 -20.06 3.90 -10.58
C THR A 196 -18.87 4.86 -10.72
N SER A 197 -18.91 5.69 -11.74
CA SER A 197 -17.85 6.66 -11.98
C SER A 197 -17.94 7.80 -10.97
N GLY A 198 -17.01 8.74 -11.09
CA GLY A 198 -17.04 9.97 -10.33
C GLY A 198 -17.17 9.75 -8.83
N PRO A 199 -18.30 10.20 -8.27
CA PRO A 199 -18.46 10.13 -6.81
C PRO A 199 -18.39 8.71 -6.27
N GLY A 200 -18.97 7.75 -7.00
CA GLY A 200 -18.95 6.38 -6.52
C GLY A 200 -17.53 5.86 -6.36
N ALA A 201 -16.70 6.04 -7.38
CA ALA A 201 -15.33 5.53 -7.33
C ALA A 201 -14.49 6.28 -6.31
N THR A 202 -14.64 7.61 -6.25
CA THR A 202 -13.85 8.39 -5.30
C THR A 202 -14.19 8.06 -3.85
N ASN A 203 -15.40 7.55 -3.59
CA ASN A 203 -15.74 7.12 -2.25
C ASN A 203 -14.94 5.89 -1.82
N VAL A 204 -14.48 5.09 -2.78
CA VAL A 204 -13.72 3.88 -2.46
C VAL A 204 -12.24 4.16 -2.30
N ILE A 205 -11.81 5.42 -2.38
CA ILE A 205 -10.39 5.73 -2.27
C ILE A 205 -9.87 5.35 -0.89
N THR A 206 -10.61 5.70 0.16
CA THR A 206 -10.17 5.33 1.50
C THR A 206 -10.11 3.83 1.70
N PRO A 207 -11.13 3.04 1.38
CA PRO A 207 -10.99 1.58 1.51
C PRO A 207 -9.90 1.01 0.61
N MET A 208 -9.61 1.68 -0.52
CA MET A 208 -8.59 1.19 -1.42
C MET A 208 -7.19 1.38 -0.85
N GLN A 209 -6.91 2.58 -0.33
CA GLN A 209 -5.62 2.82 0.32
C GLN A 209 -5.46 1.93 1.55
N ASP A 210 -6.55 1.63 2.25
CA ASP A 210 -6.46 0.76 3.42
C ASP A 210 -6.07 -0.65 3.02
N ALA A 211 -6.65 -1.16 1.93
CA ALA A 211 -6.27 -2.48 1.44
C ALA A 211 -4.81 -2.51 1.02
N LEU A 212 -4.33 -1.42 0.40
CA LEU A 212 -2.93 -1.35 0.03
C LEU A 212 -2.04 -1.25 1.25
N SER A 213 -2.51 -0.55 2.30
CA SER A 213 -1.68 -0.37 3.48
C SER A 213 -1.57 -1.65 4.30
N ASP A 214 -2.61 -2.50 4.28
CA ASP A 214 -2.63 -3.72 5.06
C ASP A 214 -2.52 -4.97 4.19
N GLY A 215 -2.30 -4.83 2.89
CA GLY A 215 -2.09 -5.96 2.02
C GLY A 215 -3.30 -6.86 1.87
N VAL A 216 -4.43 -6.29 1.50
CA VAL A 216 -5.70 -7.01 1.37
C VAL A 216 -6.00 -7.16 -0.13
N PRO A 217 -6.25 -8.37 -0.62
CA PRO A 217 -6.62 -8.53 -2.03
C PRO A 217 -7.98 -7.92 -2.31
N MET A 218 -8.03 -7.06 -3.32
CA MET A 218 -9.24 -6.30 -3.62
C MET A 218 -9.21 -5.88 -5.08
N VAL A 219 -10.35 -6.00 -5.74
CA VAL A 219 -10.47 -5.65 -7.16
C VAL A 219 -11.65 -4.70 -7.30
N VAL A 220 -11.39 -3.48 -7.76
CA VAL A 220 -12.40 -2.45 -7.88
C VAL A 220 -12.69 -2.23 -9.36
N PHE A 221 -13.89 -2.58 -9.79
CA PHE A 221 -14.37 -2.23 -11.11
C PHE A 221 -15.29 -1.02 -10.97
N CYS A 222 -14.94 0.07 -11.64
CA CYS A 222 -15.74 1.27 -11.57
C CYS A 222 -16.08 1.75 -12.97
N GLY A 223 -17.24 2.38 -13.09
CA GLY A 223 -17.66 2.93 -14.36
C GLY A 223 -16.87 4.16 -14.75
N GLN A 224 -17.13 4.62 -15.97
CA GLN A 224 -16.54 5.83 -16.50
C GLN A 224 -17.41 6.29 -17.66
N VAL A 225 -17.38 7.60 -17.93
CA VAL A 225 -18.16 8.19 -19.01
C VAL A 225 -17.72 7.57 -20.33
N ALA A 226 -18.51 7.75 -21.38
CA ALA A 226 -18.12 7.22 -22.68
C ALA A 226 -16.80 7.81 -23.14
N THR A 227 -16.01 7.00 -23.85
CA THR A 227 -14.62 7.36 -24.16
C THR A 227 -14.51 8.68 -24.90
N ASN A 228 -15.53 9.05 -25.68
CA ASN A 228 -15.54 10.35 -26.35
C ASN A 228 -15.75 11.50 -25.39
N LEU A 229 -16.34 11.26 -24.22
CA LEU A 229 -16.54 12.30 -23.22
C LEU A 229 -15.44 12.35 -22.17
N ILE A 230 -14.54 11.37 -22.15
CA ILE A 230 -13.45 11.37 -21.18
C ILE A 230 -12.52 12.55 -21.47
N GLY A 231 -12.22 13.32 -20.44
CA GLY A 231 -11.39 14.51 -20.56
C GLY A 231 -12.17 15.78 -20.82
N SER A 232 -13.43 15.68 -21.22
CA SER A 232 -14.29 16.85 -21.43
C SER A 232 -14.88 17.38 -20.13
N ASP A 233 -14.48 16.83 -18.99
CA ASP A 233 -15.05 17.18 -17.70
C ASP A 233 -16.57 17.09 -17.74
N ALA A 234 -17.06 15.99 -18.30
CA ALA A 234 -18.50 15.78 -18.47
C ALA A 234 -19.13 15.50 -17.11
N PHE A 235 -20.40 15.09 -17.13
CA PHE A 235 -21.11 14.81 -15.89
C PHE A 235 -20.56 13.56 -15.22
N GLN A 236 -20.16 13.69 -13.95
CA GLN A 236 -19.62 12.59 -13.14
C GLN A 236 -18.32 12.03 -13.72
N GLU A 237 -17.55 12.85 -14.41
CA GLU A 237 -16.23 12.45 -14.88
C GLU A 237 -15.18 12.88 -13.86
N ALA A 238 -14.35 11.93 -13.45
CA ALA A 238 -13.22 12.22 -12.58
C ALA A 238 -12.05 11.35 -13.03
N ASP A 239 -10.85 11.85 -12.79
CA ASP A 239 -9.65 11.10 -13.15
C ASP A 239 -9.49 9.94 -12.18
N VAL A 240 -10.40 8.96 -12.25
CA VAL A 240 -10.38 7.87 -11.29
C VAL A 240 -9.11 7.07 -11.43
N VAL A 241 -8.66 6.82 -12.66
CA VAL A 241 -7.42 6.08 -12.87
C VAL A 241 -6.24 6.86 -12.29
N GLY A 242 -6.33 8.18 -12.25
CA GLY A 242 -5.25 8.99 -11.71
C GLY A 242 -5.32 9.17 -10.22
N ILE A 243 -6.55 9.23 -9.69
CA ILE A 243 -6.72 9.34 -8.25
C ILE A 243 -6.37 8.03 -7.57
N SER A 244 -6.87 6.92 -8.12
CA SER A 244 -6.54 5.61 -7.56
C SER A 244 -5.09 5.23 -7.78
N ARG A 245 -4.41 5.86 -8.75
CA ARG A 245 -3.06 5.47 -9.13
C ARG A 245 -2.14 5.39 -7.92
N SER A 246 -2.15 6.43 -7.09
CA SER A 246 -1.26 6.45 -5.94
C SER A 246 -1.68 5.42 -4.89
N CYS A 247 -2.98 5.26 -4.68
CA CYS A 247 -3.48 4.42 -3.61
C CYS A 247 -3.79 2.99 -4.05
N THR A 248 -3.48 2.63 -5.29
CA THR A 248 -3.76 1.29 -5.77
C THR A 248 -2.47 0.61 -6.22
N LYS A 249 -2.48 -0.72 -6.17
CA LYS A 249 -1.31 -1.48 -6.57
C LYS A 249 -1.07 -1.38 -8.07
N TRP A 250 -2.14 -1.28 -8.85
CA TRP A 250 -2.11 -1.13 -10.30
C TRP A 250 -3.52 -0.84 -10.78
N ASN A 251 -3.62 -0.06 -11.85
CA ASN A 251 -4.92 0.28 -12.41
C ASN A 251 -4.82 0.36 -13.92
N VAL A 252 -5.98 0.44 -14.58
CA VAL A 252 -6.05 0.46 -16.03
C VAL A 252 -7.39 1.05 -16.42
N MET A 253 -7.48 1.57 -17.65
CA MET A 253 -8.74 2.01 -18.24
C MET A 253 -8.94 1.22 -19.53
N VAL A 254 -9.95 0.34 -19.53
CA VAL A 254 -10.24 -0.49 -20.70
C VAL A 254 -10.69 0.43 -21.83
N LYS A 255 -9.83 0.60 -22.83
CA LYS A 255 -10.12 1.51 -23.93
C LYS A 255 -10.89 0.85 -25.07
N ASP A 256 -10.83 -0.47 -25.19
CA ASP A 256 -11.61 -1.19 -26.19
C ASP A 256 -12.10 -2.49 -25.58
N ILE A 257 -13.25 -2.96 -26.05
CA ILE A 257 -13.87 -4.14 -25.48
C ILE A 257 -12.99 -5.37 -25.66
N ALA A 258 -12.12 -5.37 -26.68
CA ALA A 258 -11.24 -6.51 -26.89
C ALA A 258 -10.23 -6.65 -25.76
N GLU A 259 -9.91 -5.54 -25.08
CA GLU A 259 -8.99 -5.58 -23.95
C GLU A 259 -9.61 -6.15 -22.69
N LEU A 260 -10.95 -6.08 -22.57
CA LEU A 260 -11.64 -6.37 -21.31
C LEU A 260 -11.25 -7.70 -20.68
N PRO A 261 -11.24 -8.83 -21.38
CA PRO A 261 -10.91 -10.08 -20.69
C PRO A 261 -9.48 -10.13 -20.18
N ARG A 262 -8.52 -9.59 -20.94
CA ARG A 262 -7.13 -9.66 -20.48
C ARG A 262 -6.88 -8.69 -19.33
N ARG A 263 -7.47 -7.49 -19.40
CA ARG A 263 -7.29 -6.54 -18.31
C ARG A 263 -7.90 -7.05 -17.01
N ILE A 264 -9.00 -7.80 -17.09
CA ILE A 264 -9.57 -8.38 -15.89
C ILE A 264 -8.66 -9.48 -15.36
N ASN A 265 -8.14 -10.33 -16.25
CA ASN A 265 -7.19 -11.36 -15.84
C ASN A 265 -5.99 -10.73 -15.13
N GLU A 266 -5.44 -9.65 -15.71
CA GLU A 266 -4.32 -8.97 -15.08
C GLU A 266 -4.73 -8.35 -13.75
N ALA A 267 -5.97 -7.86 -13.66
CA ALA A 267 -6.42 -7.23 -12.41
C ALA A 267 -6.39 -8.24 -11.26
N PHE A 268 -7.05 -9.39 -11.45
CA PHE A 268 -7.05 -10.39 -10.41
C PHE A 268 -5.65 -10.95 -10.16
N LYS A 269 -4.88 -11.18 -11.23
CA LYS A 269 -3.54 -11.72 -11.07
C LYS A 269 -2.68 -10.79 -10.21
N ILE A 270 -2.74 -9.49 -10.49
CA ILE A 270 -1.93 -8.54 -9.74
C ILE A 270 -2.44 -8.42 -8.30
N ALA A 271 -3.76 -8.38 -8.13
CA ALA A 271 -4.32 -8.18 -6.80
C ALA A 271 -4.04 -9.33 -5.84
N THR A 272 -3.70 -10.51 -6.37
CA THR A 272 -3.57 -11.71 -5.54
C THR A 272 -2.16 -12.26 -5.46
N THR A 273 -1.24 -11.80 -6.30
CA THR A 273 0.14 -12.26 -6.29
C THR A 273 1.02 -11.33 -5.48
N GLY A 274 2.17 -11.84 -5.06
CA GLY A 274 3.06 -11.09 -4.19
C GLY A 274 2.36 -10.71 -2.90
N ARG A 275 2.68 -9.53 -2.41
CA ARG A 275 1.90 -8.97 -1.32
C ARG A 275 0.55 -8.55 -1.87
N PRO A 276 -0.55 -9.15 -1.43
CA PRO A 276 -1.86 -8.82 -1.99
C PRO A 276 -2.17 -7.33 -1.86
N GLY A 277 -2.96 -6.83 -2.78
CA GLY A 277 -3.32 -5.43 -2.78
C GLY A 277 -4.52 -5.13 -3.65
N PRO A 278 -4.95 -3.87 -3.65
CA PRO A 278 -6.09 -3.47 -4.47
C PRO A 278 -5.67 -3.05 -5.87
N VAL A 279 -6.55 -3.33 -6.82
CA VAL A 279 -6.41 -2.87 -8.20
C VAL A 279 -7.74 -2.27 -8.62
N LEU A 280 -7.69 -1.31 -9.55
CA LEU A 280 -8.89 -0.63 -10.02
C LEU A 280 -8.93 -0.70 -11.54
N VAL A 281 -10.08 -1.08 -12.08
CA VAL A 281 -10.27 -1.19 -13.53
C VAL A 281 -11.36 -0.19 -13.92
N ASP A 282 -10.95 0.86 -14.64
CA ASP A 282 -11.86 1.91 -15.06
C ASP A 282 -12.60 1.46 -16.33
N LEU A 283 -13.93 1.41 -16.24
CA LEU A 283 -14.73 0.83 -17.32
C LEU A 283 -15.60 1.91 -17.96
N PRO A 284 -15.26 2.39 -19.15
CA PRO A 284 -16.09 3.38 -19.83
C PRO A 284 -17.45 2.80 -20.19
N LYS A 285 -18.47 3.67 -20.22
CA LYS A 285 -19.83 3.23 -20.51
C LYS A 285 -19.95 2.66 -21.91
N ASP A 286 -19.34 3.32 -22.89
CA ASP A 286 -19.45 2.86 -24.26
C ASP A 286 -18.66 1.59 -24.51
N VAL A 287 -17.69 1.27 -23.66
CA VAL A 287 -16.92 0.04 -23.83
C VAL A 287 -17.70 -1.16 -23.29
N THR A 288 -18.26 -1.04 -22.10
CA THR A 288 -18.99 -2.16 -21.50
C THR A 288 -20.39 -2.32 -22.06
N ALA A 289 -20.93 -1.30 -22.73
CA ALA A 289 -22.20 -1.44 -23.43
C ALA A 289 -22.03 -1.96 -24.85
N ALA A 290 -20.80 -2.06 -25.33
CA ALA A 290 -20.54 -2.54 -26.68
C ALA A 290 -20.61 -4.07 -26.73
N ILE A 291 -20.53 -4.60 -27.95
CA ILE A 291 -20.57 -6.03 -28.19
C ILE A 291 -19.32 -6.42 -28.96
N LEU A 292 -18.65 -7.48 -28.50
CA LEU A 292 -17.42 -7.96 -29.11
C LEU A 292 -17.76 -8.85 -30.29
N ARG A 293 -17.76 -8.28 -31.50
CA ARG A 293 -18.13 -8.99 -32.71
C ARG A 293 -16.96 -9.66 -33.41
N THR A 294 -15.88 -9.96 -32.67
CA THR A 294 -14.67 -10.49 -33.28
C THR A 294 -13.87 -11.22 -32.21
N PRO A 295 -13.12 -12.25 -32.57
CA PRO A 295 -12.29 -12.97 -31.58
C PRO A 295 -11.07 -12.16 -31.17
N ILE A 296 -10.26 -12.77 -30.29
CA ILE A 296 -9.06 -12.13 -29.76
C ILE A 296 -7.95 -13.16 -29.66
N PRO A 297 -6.70 -12.71 -29.72
CA PRO A 297 -5.58 -13.63 -29.51
C PRO A 297 -5.38 -13.96 -28.04
N ALA A 298 -4.98 -15.20 -27.78
CA ALA A 298 -4.80 -15.67 -26.40
C ALA A 298 -3.53 -15.09 -25.78
N PRO A 323 3.37 -20.27 -5.60
CA PRO A 323 3.89 -20.33 -4.23
C PRO A 323 5.29 -20.93 -4.16
N LEU A 324 6.30 -20.11 -4.39
CA LEU A 324 7.68 -20.54 -4.47
C LEU A 324 8.47 -20.08 -3.25
N PRO A 325 9.31 -20.95 -2.69
CA PRO A 325 10.08 -20.60 -1.48
C PRO A 325 11.33 -19.80 -1.83
N GLY A 326 12.05 -19.41 -0.78
CA GLY A 326 13.31 -18.70 -0.95
C GLY A 326 14.44 -19.63 -1.33
N ASP A 327 15.64 -19.05 -1.43
CA ASP A 327 16.82 -19.80 -1.84
C ASP A 327 17.05 -20.94 -0.86
N ALA A 328 17.27 -22.14 -1.42
CA ALA A 328 17.47 -23.33 -0.58
C ALA A 328 18.65 -23.16 0.35
N ASP A 329 19.75 -22.57 -0.14
CA ASP A 329 20.94 -22.43 0.69
C ASP A 329 20.75 -21.39 1.77
N LEU A 330 19.91 -20.37 1.53
CA LEU A 330 19.65 -19.37 2.56
C LEU A 330 18.67 -19.88 3.62
N ILE A 331 17.63 -20.62 3.19
CA ILE A 331 16.76 -21.31 4.14
C ILE A 331 17.58 -22.20 5.05
N THR A 332 18.43 -23.04 4.45
CA THR A 332 19.32 -23.91 5.21
C THR A 332 20.18 -23.10 6.17
N GLU A 333 20.71 -21.97 5.71
CA GLU A 333 21.50 -21.11 6.59
C GLU A 333 20.67 -20.62 7.77
N ALA A 334 19.40 -20.30 7.53
CA ALA A 334 18.54 -19.81 8.61
C ALA A 334 18.28 -20.91 9.63
N ALA A 335 17.94 -22.11 9.16
CA ALA A 335 17.71 -23.23 10.07
C ALA A 335 18.93 -23.49 10.96
N GLN A 336 20.11 -23.50 10.35
CA GLN A 336 21.33 -23.72 11.13
C GLN A 336 21.55 -22.60 12.14
N MET A 337 21.21 -21.37 11.77
CA MET A 337 21.29 -20.28 12.73
C MET A 337 20.25 -20.44 13.83
N ILE A 338 19.06 -20.91 13.48
CA ILE A 338 18.00 -21.09 14.46
C ILE A 338 18.37 -22.20 15.43
N ASN A 339 18.90 -23.32 14.91
CA ASN A 339 19.23 -24.45 15.78
C ASN A 339 20.32 -24.10 16.78
N LYS A 340 21.31 -23.31 16.35
CA LYS A 340 22.39 -22.88 17.22
C LYS A 340 22.03 -21.68 18.06
N ALA A 341 20.80 -21.16 17.96
CA ALA A 341 20.44 -19.98 18.72
C ALA A 341 20.24 -20.32 20.19
N LYS A 342 20.72 -19.43 21.06
CA LYS A 342 20.56 -19.65 22.49
C LYS A 342 19.17 -19.26 22.96
N ARG A 343 18.59 -18.21 22.38
CA ARG A 343 17.24 -17.77 22.73
C ARG A 343 16.58 -17.10 21.54
N PRO A 344 15.99 -17.87 20.64
CA PRO A 344 15.33 -17.29 19.46
C PRO A 344 13.88 -16.94 19.75
N ILE A 345 13.30 -16.17 18.82
CA ILE A 345 11.89 -15.78 18.90
C ILE A 345 11.32 -15.75 17.49
N ILE A 346 10.09 -16.22 17.35
CA ILE A 346 9.38 -16.19 16.09
C ILE A 346 8.51 -14.94 16.05
N PHE A 347 8.49 -14.26 14.91
CA PHE A 347 7.76 -13.02 14.74
C PHE A 347 6.85 -13.18 13.53
N ALA A 348 5.56 -13.44 13.79
CA ALA A 348 4.60 -13.79 12.75
C ALA A 348 3.77 -12.57 12.35
N GLY A 349 3.62 -12.37 11.05
CA GLY A 349 2.81 -11.28 10.54
C GLY A 349 1.69 -11.76 9.63
N ASN A 350 1.08 -10.86 8.88
CA ASN A 350 -0.03 -11.23 8.00
C ASN A 350 0.40 -12.19 6.89
N GLY A 351 1.70 -12.24 6.57
CA GLY A 351 2.15 -13.15 5.53
C GLY A 351 1.94 -14.62 5.87
N VAL A 352 1.95 -14.94 7.17
CA VAL A 352 1.72 -16.32 7.59
C VAL A 352 0.29 -16.75 7.28
N LEU A 353 -0.66 -15.81 7.29
CA LEU A 353 -2.06 -16.11 7.04
C LEU A 353 -2.39 -16.23 5.56
N SER A 354 -1.40 -16.06 4.66
CA SER A 354 -1.69 -16.09 3.24
C SER A 354 -2.27 -17.43 2.80
N SER A 355 -1.71 -18.53 3.30
CA SER A 355 -2.16 -19.87 3.02
C SER A 355 -2.59 -20.57 4.31
N PRO A 356 -3.61 -21.43 4.26
CA PRO A 356 -4.00 -22.17 5.47
C PRO A 356 -2.89 -23.06 6.00
N GLU A 357 -1.89 -23.38 5.18
CA GLU A 357 -0.75 -24.18 5.63
C GLU A 357 0.27 -23.37 6.41
N GLY A 358 0.11 -22.05 6.46
CA GLY A 358 1.01 -21.20 7.18
C GLY A 358 1.00 -21.43 8.67
N PRO A 359 -0.15 -21.22 9.30
CA PRO A 359 -0.26 -21.50 10.75
C PRO A 359 0.05 -22.94 11.10
N LYS A 360 -0.27 -23.89 10.21
CA LYS A 360 0.08 -25.28 10.48
C LYS A 360 1.59 -25.46 10.53
N LEU A 361 2.33 -24.76 9.66
CA LEU A 361 3.78 -24.84 9.68
C LEU A 361 4.39 -23.94 10.74
N LEU A 362 3.69 -22.87 11.15
CA LEU A 362 4.19 -22.04 12.25
C LEU A 362 4.09 -22.78 13.57
N LYS A 363 2.99 -23.51 13.78
CA LYS A 363 2.89 -24.40 14.94
C LYS A 363 4.00 -25.43 14.92
N GLU A 364 4.33 -25.95 13.74
CA GLU A 364 5.39 -26.96 13.63
C GLU A 364 6.75 -26.36 13.94
N LEU A 365 7.01 -25.14 13.45
CA LEU A 365 8.28 -24.49 13.75
C LEU A 365 8.42 -24.20 15.24
N SER A 366 7.33 -23.79 15.89
CA SER A 366 7.38 -23.48 17.31
C SER A 366 7.52 -24.73 18.16
N ASP A 367 6.79 -25.80 17.82
CA ASP A 367 6.90 -27.03 18.59
C ASP A 367 8.24 -27.70 18.36
N LYS A 368 8.59 -27.95 17.10
CA LYS A 368 9.81 -28.70 16.79
C LYS A 368 11.06 -27.95 17.22
N GLY A 369 10.95 -26.66 17.49
CA GLY A 369 12.11 -25.88 17.88
C GLY A 369 12.02 -25.36 19.29
N ARG A 370 10.86 -25.54 19.93
CA ARG A 370 10.60 -24.98 21.26
C ARG A 370 10.89 -23.49 21.30
N ILE A 371 10.43 -22.78 20.27
CA ILE A 371 10.70 -21.35 20.10
C ILE A 371 9.43 -20.59 20.44
N PRO A 372 9.50 -19.55 21.28
CA PRO A 372 8.32 -18.72 21.53
C PRO A 372 7.93 -17.94 20.28
N VAL A 373 6.66 -17.57 20.23
CA VAL A 373 6.08 -16.90 19.07
C VAL A 373 5.42 -15.62 19.53
N THR A 374 5.64 -14.54 18.79
CA THR A 374 4.90 -13.30 18.94
C THR A 374 4.39 -12.86 17.57
N THR A 375 3.39 -11.99 17.57
CA THR A 375 2.74 -11.59 16.34
C THR A 375 2.55 -10.08 16.29
N THR A 376 2.52 -9.56 15.05
CA THR A 376 2.02 -8.22 14.82
C THR A 376 0.52 -8.17 15.09
N LEU A 377 -0.03 -6.96 15.06
CA LEU A 377 -1.47 -6.81 15.18
C LEU A 377 -2.20 -7.54 14.06
N GLN A 378 -1.59 -7.63 12.88
CA GLN A 378 -2.19 -8.32 11.74
C GLN A 378 -1.78 -9.79 11.65
N GLY A 379 -0.89 -10.25 12.52
CA GLY A 379 -0.60 -11.66 12.66
C GLY A 379 -1.48 -12.38 13.64
N LEU A 380 -2.43 -11.69 14.25
CA LEU A 380 -3.32 -12.29 15.22
C LEU A 380 -4.11 -13.43 14.59
N GLY A 381 -3.98 -14.62 15.17
CA GLY A 381 -4.61 -15.82 14.66
C GLY A 381 -3.64 -16.77 13.99
N ALA A 382 -2.48 -16.28 13.56
CA ALA A 382 -1.48 -17.17 12.96
C ALA A 382 -0.92 -18.15 13.98
N PHE A 383 -0.92 -17.77 15.26
CA PHE A 383 -0.46 -18.66 16.31
C PHE A 383 -1.48 -18.68 17.44
N ASP A 384 -1.73 -19.87 17.99
CA ASP A 384 -2.70 -20.07 19.04
C ASP A 384 -2.22 -19.43 20.34
N GLU A 385 -2.85 -18.33 20.73
CA GLU A 385 -2.36 -17.58 21.89
C GLU A 385 -2.59 -18.28 23.22
N ARG A 386 -3.46 -19.29 23.28
CA ARG A 386 -3.58 -20.08 24.50
C ARG A 386 -2.46 -21.12 24.63
N ASP A 387 -1.54 -21.17 23.67
CA ASP A 387 -0.31 -21.94 23.83
C ASP A 387 0.59 -21.27 24.85
N GLU A 388 1.20 -22.07 25.72
CA GLU A 388 2.15 -21.53 26.70
C GLU A 388 3.43 -21.01 26.05
N LYS A 389 3.81 -21.56 24.89
CA LYS A 389 4.91 -21.00 24.11
C LYS A 389 4.60 -19.62 23.58
N SER A 390 3.33 -19.21 23.53
CA SER A 390 2.93 -18.03 22.78
C SER A 390 3.07 -16.76 23.62
N LEU A 391 4.06 -15.94 23.30
CA LEU A 391 3.93 -14.52 23.60
C LEU A 391 2.82 -13.96 22.73
N HIS A 392 2.21 -12.87 23.18
CA HIS A 392 1.06 -12.38 22.43
C HIS A 392 1.47 -11.29 21.47
N MET A 393 0.61 -10.28 21.26
CA MET A 393 0.95 -9.22 20.34
C MET A 393 2.12 -8.40 20.85
N ILE A 394 2.95 -7.93 19.92
CA ILE A 394 4.10 -7.11 20.24
C ILE A 394 3.96 -5.78 19.52
N GLY A 395 4.44 -4.72 20.14
CA GLY A 395 4.46 -3.42 19.51
C GLY A 395 4.28 -2.33 20.54
N MET A 396 3.82 -1.17 20.05
CA MET A 396 3.59 -0.03 20.92
C MET A 396 2.69 -0.39 22.09
N HIS A 397 1.61 -1.12 21.81
CA HIS A 397 0.69 -1.57 22.84
C HIS A 397 0.69 -3.10 22.96
N GLY A 398 1.78 -3.75 22.58
CA GLY A 398 1.90 -5.18 22.73
C GLY A 398 2.09 -5.60 24.17
N SER A 399 2.27 -6.92 24.35
CA SER A 399 2.45 -7.46 25.68
C SER A 399 3.86 -7.16 26.20
N ALA A 400 3.96 -6.87 27.49
CA ALA A 400 5.25 -6.55 28.08
C ALA A 400 6.22 -7.71 27.94
N TYR A 401 5.71 -8.95 27.94
CA TYR A 401 6.59 -10.11 27.83
C TYR A 401 7.10 -10.29 26.41
N ALA A 402 6.30 -9.94 25.41
CA ALA A 402 6.79 -9.98 24.04
C ALA A 402 7.73 -8.81 23.77
N ASN A 403 7.45 -7.65 24.36
CA ASN A 403 8.37 -6.53 24.24
C ASN A 403 9.69 -6.83 24.94
N PHE A 404 9.63 -7.54 26.08
CA PHE A 404 10.85 -7.90 26.80
C PHE A 404 11.61 -9.00 26.09
N ALA A 405 10.91 -10.06 25.67
CA ALA A 405 11.58 -11.22 25.08
C ALA A 405 12.19 -10.88 23.72
N MET A 406 11.51 -10.05 22.93
CA MET A 406 12.05 -9.64 21.65
C MET A 406 13.38 -8.90 21.81
N GLN A 407 13.54 -8.14 22.88
CA GLN A 407 14.77 -7.40 23.12
C GLN A 407 15.90 -8.28 23.65
N GLU A 408 15.58 -9.44 24.21
CA GLU A 408 16.59 -10.35 24.72
C GLU A 408 16.94 -11.45 23.72
N ALA A 409 16.15 -11.62 22.67
CA ALA A 409 16.35 -12.73 21.76
C ALA A 409 17.58 -12.49 20.89
N ASP A 410 18.36 -13.54 20.68
CA ASP A 410 19.54 -13.46 19.84
C ASP A 410 19.28 -13.82 18.40
N VAL A 411 18.10 -14.34 18.08
CA VAL A 411 17.71 -14.67 16.71
C VAL A 411 16.25 -14.30 16.50
N LEU A 412 15.96 -13.57 15.44
CA LEU A 412 14.60 -13.22 15.05
C LEU A 412 14.18 -14.04 13.84
N ILE A 413 13.05 -14.73 13.96
CA ILE A 413 12.46 -15.40 12.81
C ILE A 413 11.25 -14.57 12.38
N ALA A 414 11.47 -13.59 11.53
CA ALA A 414 10.39 -12.73 11.06
C ALA A 414 9.72 -13.40 9.86
N LEU A 415 8.43 -13.67 9.99
CA LEU A 415 7.66 -14.42 8.98
C LEU A 415 6.55 -13.52 8.45
N GLY A 416 6.77 -12.98 7.24
CA GLY A 416 5.78 -12.14 6.58
C GLY A 416 5.35 -10.95 7.40
N VAL A 417 6.31 -10.08 7.72
CA VAL A 417 6.05 -8.91 8.56
C VAL A 417 6.89 -7.75 8.04
N ARG A 418 6.23 -6.63 7.75
CA ARG A 418 6.92 -5.36 7.59
C ARG A 418 7.09 -4.74 8.97
N PHE A 419 8.29 -4.23 9.24
CA PHE A 419 8.61 -3.75 10.58
C PHE A 419 8.08 -2.34 10.74
N ASP A 420 6.80 -2.26 11.08
CA ASP A 420 6.14 -0.97 11.25
C ASP A 420 6.77 -0.19 12.40
N ASP A 421 6.61 1.13 12.35
CA ASP A 421 7.10 1.96 13.43
C ASP A 421 6.36 1.66 14.73
N ARG A 422 5.12 1.19 14.64
CA ARG A 422 4.35 0.75 15.80
C ARG A 422 4.70 -0.67 16.22
N VAL A 423 5.70 -1.28 15.59
CA VAL A 423 6.23 -2.56 16.01
C VAL A 423 7.60 -2.42 16.67
N THR A 424 8.44 -1.54 16.13
CA THR A 424 9.82 -1.40 16.58
C THR A 424 9.99 -0.37 17.70
N GLY A 425 9.09 0.60 17.82
CA GLY A 425 9.22 1.63 18.83
C GLY A 425 10.22 2.70 18.45
N LYS A 426 11.50 2.33 18.46
CA LYS A 426 12.57 3.18 17.94
C LYS A 426 13.53 2.26 17.19
N VAL A 427 13.73 2.54 15.91
CA VAL A 427 14.32 1.55 15.00
C VAL A 427 15.70 1.13 15.47
N ASP A 428 16.54 2.09 15.88
CA ASP A 428 17.91 1.75 16.28
C ASP A 428 17.95 0.97 17.59
N THR A 429 16.92 1.07 18.41
CA THR A 429 16.88 0.38 19.70
C THR A 429 16.17 -0.97 19.63
N PHE A 430 15.62 -1.32 18.47
CA PHE A 430 14.83 -2.53 18.33
C PHE A 430 15.73 -3.75 18.26
N ALA A 431 15.40 -4.77 19.05
CA ALA A 431 16.13 -6.03 19.09
C ALA A 431 17.64 -5.83 19.26
N PRO A 432 18.08 -5.23 20.38
CA PRO A 432 19.53 -5.04 20.57
C PRO A 432 20.28 -6.35 20.73
N ALA A 433 19.67 -7.36 21.36
CA ALA A 433 20.33 -8.66 21.48
C ALA A 433 20.49 -9.34 20.12
N ALA A 434 19.53 -9.17 19.22
CA ALA A 434 19.71 -9.66 17.87
C ALA A 434 20.79 -8.88 17.15
N LYS A 435 20.84 -7.56 17.35
CA LYS A 435 21.88 -6.74 16.73
C LYS A 435 23.27 -7.15 17.20
N ALA A 436 23.42 -7.38 18.50
CA ALA A 436 24.74 -7.75 19.03
C ALA A 436 25.11 -9.17 18.62
N ALA A 437 24.14 -10.09 18.62
CA ALA A 437 24.43 -11.46 18.18
C ALA A 437 24.82 -11.49 16.71
N ALA A 438 24.37 -10.53 15.92
CA ALA A 438 24.78 -10.47 14.53
C ALA A 438 26.21 -9.98 14.39
N ALA A 439 26.61 -9.03 15.24
CA ALA A 439 27.96 -8.49 15.14
C ALA A 439 29.01 -9.55 15.46
N GLU A 440 28.62 -10.57 16.22
CA GLU A 440 29.50 -11.68 16.54
C GLU A 440 29.23 -12.92 15.68
N GLY A 441 28.25 -12.84 14.78
CA GLY A 441 27.96 -13.94 13.88
C GLY A 441 27.22 -15.11 14.49
N ARG A 442 26.75 -14.99 15.73
CA ARG A 442 26.03 -16.07 16.40
C ARG A 442 24.52 -15.96 16.24
N GLY A 443 24.02 -14.91 15.60
CA GLY A 443 22.58 -14.77 15.41
C GLY A 443 22.21 -13.56 14.57
N GLY A 444 21.01 -13.04 14.78
CA GLY A 444 20.54 -11.86 14.10
C GLY A 444 19.11 -12.02 13.62
N ILE A 445 18.73 -11.18 12.66
CA ILE A 445 17.37 -11.15 12.13
C ILE A 445 17.29 -12.03 10.88
N ILE A 446 16.36 -12.98 10.88
CA ILE A 446 16.04 -13.79 9.71
C ILE A 446 14.70 -13.32 9.18
N HIS A 447 14.67 -12.86 7.93
CA HIS A 447 13.52 -12.15 7.38
C HIS A 447 12.96 -12.90 6.18
N PHE A 448 11.70 -13.31 6.27
CA PHE A 448 10.97 -13.96 5.18
C PHE A 448 9.96 -12.96 4.65
N GLU A 449 10.19 -12.44 3.45
CA GLU A 449 9.27 -11.51 2.81
C GLU A 449 9.17 -11.86 1.34
N ILE A 450 7.99 -11.60 0.76
CA ILE A 450 7.81 -11.84 -0.67
C ILE A 450 8.04 -10.58 -1.49
N GLN A 451 7.99 -9.40 -0.86
CA GLN A 451 8.18 -8.15 -1.55
C GLN A 451 9.59 -7.65 -1.32
N PRO A 452 10.41 -7.48 -2.36
CA PRO A 452 11.82 -7.13 -2.14
C PRO A 452 12.01 -5.76 -1.52
N LYS A 453 11.02 -4.88 -1.61
CA LYS A 453 11.17 -3.55 -1.06
C LYS A 453 11.03 -3.53 0.45
N ASN A 454 10.47 -4.57 1.07
CA ASN A 454 10.31 -4.61 2.51
C ASN A 454 11.44 -5.34 3.22
N ILE A 455 12.40 -5.89 2.48
CA ILE A 455 13.58 -6.50 3.07
C ILE A 455 14.66 -5.43 3.20
N ASN A 456 15.26 -5.34 4.39
CA ASN A 456 16.29 -4.35 4.71
C ASN A 456 15.81 -2.92 4.54
N LYS A 457 14.49 -2.72 4.54
CA LYS A 457 13.92 -1.39 4.41
C LYS A 457 13.85 -0.64 5.74
N ILE A 458 13.73 -1.35 6.86
CA ILE A 458 13.62 -0.73 8.18
C ILE A 458 14.61 -1.38 9.15
N VAL A 459 14.79 -2.69 9.05
CA VAL A 459 15.71 -3.42 9.92
C VAL A 459 16.61 -4.29 9.04
N GLU A 460 17.92 -4.12 9.20
CA GLU A 460 18.89 -4.97 8.52
C GLU A 460 18.66 -6.43 8.89
N GLY A 461 18.24 -7.22 7.91
CA GLY A 461 18.10 -8.66 8.08
C GLY A 461 19.37 -9.36 7.67
N GLN A 462 19.92 -10.15 8.60
CA GLN A 462 21.17 -10.87 8.37
C GLN A 462 21.01 -12.01 7.37
N ILE A 463 19.83 -12.61 7.30
CA ILE A 463 19.55 -13.67 6.32
C ILE A 463 18.23 -13.37 5.62
N PRO A 464 18.25 -12.61 4.52
CA PRO A 464 16.99 -12.31 3.82
C PRO A 464 16.55 -13.53 3.02
N VAL A 465 15.26 -13.87 3.12
CA VAL A 465 14.67 -14.99 2.39
C VAL A 465 13.51 -14.43 1.57
N LEU A 466 13.83 -13.95 0.37
CA LEU A 466 12.80 -13.46 -0.53
C LEU A 466 11.99 -14.62 -1.06
N GLY A 467 10.67 -14.51 -0.96
CA GLY A 467 9.78 -15.55 -1.44
C GLY A 467 8.61 -15.77 -0.51
N ASP A 468 7.66 -16.60 -0.95
CA ASP A 468 6.50 -16.91 -0.13
C ASP A 468 6.94 -17.54 1.18
N VAL A 469 6.35 -17.09 2.29
CA VAL A 469 6.78 -17.56 3.60
C VAL A 469 6.21 -18.94 3.89
N VAL A 470 4.99 -19.22 3.44
CA VAL A 470 4.44 -20.55 3.66
C VAL A 470 5.20 -21.58 2.85
N ALA A 471 5.72 -21.21 1.68
CA ALA A 471 6.56 -22.12 0.92
C ALA A 471 7.96 -22.18 1.48
N SER A 472 8.48 -21.04 1.94
CA SER A 472 9.79 -21.02 2.61
C SER A 472 9.77 -21.84 3.88
N LEU A 473 8.71 -21.72 4.68
CA LEU A 473 8.56 -22.57 5.85
C LEU A 473 8.55 -24.05 5.48
N GLY A 474 7.97 -24.38 4.32
CA GLY A 474 7.90 -25.78 3.91
C GLY A 474 9.26 -26.44 3.85
N GLU A 475 10.25 -25.71 3.35
CA GLU A 475 11.63 -26.18 3.32
C GLU A 475 12.39 -25.86 4.60
N LEU A 476 11.75 -25.18 5.56
CA LEU A 476 12.43 -24.72 6.77
C LEU A 476 12.27 -25.71 7.92
N VAL A 477 11.04 -25.95 8.35
CA VAL A 477 10.77 -26.78 9.52
C VAL A 477 11.35 -28.19 9.39
N PRO A 478 11.52 -28.79 8.19
CA PRO A 478 12.23 -30.09 8.17
C PRO A 478 13.69 -29.99 8.57
N GLN A 479 14.27 -28.79 8.60
CA GLN A 479 15.67 -28.61 8.97
C GLN A 479 15.85 -28.11 10.39
N ILE A 480 14.77 -28.01 11.16
CA ILE A 480 14.81 -27.53 12.53
C ILE A 480 14.92 -28.74 13.45
N GLU A 481 16.01 -28.81 14.22
CA GLU A 481 16.21 -29.86 15.20
C GLU A 481 15.76 -29.39 16.58
N ALA A 482 15.06 -30.27 17.29
CA ALA A 482 14.56 -29.93 18.61
C ALA A 482 15.71 -29.86 19.60
N VAL A 483 15.77 -28.77 20.35
CA VAL A 483 16.80 -28.56 21.36
C VAL A 483 16.13 -28.15 22.66
N ASP A 484 16.80 -28.45 23.77
CA ASP A 484 16.32 -28.01 25.07
C ASP A 484 16.33 -26.49 25.15
N ARG A 485 15.17 -25.90 25.40
CA ARG A 485 15.07 -24.47 25.61
C ARG A 485 14.23 -24.13 26.84
N SER A 486 14.18 -25.06 27.81
CA SER A 486 13.51 -24.85 29.09
C SER A 486 13.78 -23.45 29.66
N ALA A 487 15.06 -23.12 29.89
CA ALA A 487 15.42 -21.85 30.49
C ALA A 487 14.84 -20.68 29.70
N TRP A 488 14.96 -20.71 28.38
CA TRP A 488 14.45 -19.63 27.56
C TRP A 488 12.93 -19.52 27.68
N ILE A 489 12.22 -20.65 27.55
CA ILE A 489 10.77 -20.65 27.73
C ILE A 489 10.40 -20.23 29.15
N GLY A 490 11.12 -20.75 30.14
CA GLY A 490 10.86 -20.37 31.52
C GLY A 490 11.02 -18.89 31.75
N ARG A 491 12.11 -18.31 31.22
CA ARG A 491 12.31 -16.87 31.31
C ARG A 491 11.12 -16.11 30.74
N CYS A 492 10.71 -16.47 29.51
CA CYS A 492 9.55 -15.84 28.91
C CYS A 492 8.29 -16.10 29.71
N LYS A 493 8.03 -17.38 30.03
CA LYS A 493 6.83 -17.72 30.79
C LYS A 493 6.81 -17.01 32.13
N ALA A 494 7.99 -16.81 32.74
CA ALA A 494 8.06 -16.09 34.00
C ALA A 494 7.58 -14.66 33.84
N THR A 495 8.20 -13.92 32.92
CA THR A 495 7.79 -12.55 32.65
C THR A 495 6.34 -12.51 32.17
N LYS A 496 5.92 -13.49 31.38
CA LYS A 496 4.53 -13.57 30.95
C LYS A 496 3.57 -13.64 32.13
N GLU A 497 4.00 -14.24 33.24
CA GLU A 497 3.21 -14.26 34.46
C GLU A 497 3.49 -13.08 35.37
N ARG A 498 4.60 -12.37 35.16
CA ARG A 498 4.97 -11.23 36.01
C ARG A 498 4.53 -9.89 35.43
N TYR A 499 4.30 -9.81 34.12
CA TYR A 499 3.83 -8.57 33.47
C TYR A 499 2.69 -8.87 32.52
N PRO A 500 1.56 -9.39 33.01
CA PRO A 500 0.42 -9.64 32.14
C PRO A 500 -0.38 -8.37 31.91
N PHE A 501 -1.23 -8.41 30.89
CA PHE A 501 -2.20 -7.35 30.69
C PHE A 501 -3.10 -7.24 31.93
N THR A 502 -3.01 -6.13 32.65
CA THR A 502 -3.76 -5.99 33.89
C THR A 502 -4.35 -4.58 33.96
N TYR A 503 -5.27 -4.41 34.90
CA TYR A 503 -6.09 -3.22 35.03
C TYR A 503 -6.91 -3.37 36.30
N THR A 504 -7.16 -2.24 36.95
CA THR A 504 -8.02 -2.21 38.13
C THR A 504 -9.47 -2.30 37.70
N PRO A 505 -10.18 -3.36 38.05
CA PRO A 505 -11.58 -3.50 37.63
C PRO A 505 -12.46 -2.43 38.28
N SER A 506 -13.65 -2.27 37.71
CA SER A 506 -14.64 -1.35 38.25
C SER A 506 -14.97 -1.73 39.69
N GLN A 507 -14.34 -1.04 40.65
CA GLN A 507 -14.44 -1.43 42.05
C GLN A 507 -15.89 -1.37 42.55
N GLU A 508 -16.55 -0.23 42.35
CA GLU A 508 -17.93 -0.08 42.79
C GLU A 508 -18.90 -0.44 41.67
N GLY A 509 -20.09 0.14 41.69
CA GLY A 509 -21.05 -0.07 40.63
C GLY A 509 -21.08 1.08 39.64
N GLN A 510 -19.91 1.46 39.13
CA GLN A 510 -19.81 2.56 38.19
C GLN A 510 -19.84 2.00 36.76
N LYS A 511 -19.42 2.79 35.77
CA LYS A 511 -19.40 2.33 34.39
C LYS A 511 -18.34 1.24 34.21
N LEU A 512 -18.55 0.39 33.20
CA LEU A 512 -17.65 -0.72 32.95
C LEU A 512 -16.25 -0.23 32.62
N LYS A 513 -15.25 -0.93 33.13
CA LYS A 513 -13.91 -0.80 32.57
C LYS A 513 -13.89 -1.51 31.22
N PRO A 514 -13.28 -0.90 30.19
CA PRO A 514 -13.35 -1.50 28.85
C PRO A 514 -12.76 -2.90 28.78
N GLN A 515 -11.71 -3.16 29.55
CA GLN A 515 -11.08 -4.48 29.54
C GLN A 515 -12.05 -5.55 30.05
N GLU A 516 -12.99 -5.18 30.93
CA GLU A 516 -13.96 -6.15 31.44
C GLU A 516 -14.90 -6.64 30.35
N VAL A 517 -15.27 -5.78 29.41
CA VAL A 517 -16.18 -6.19 28.34
C VAL A 517 -15.49 -7.18 27.41
N VAL A 518 -14.21 -6.96 27.13
CA VAL A 518 -13.48 -7.86 26.24
C VAL A 518 -13.19 -9.18 26.92
N GLN A 519 -12.83 -9.13 28.21
CA GLN A 519 -12.53 -10.37 28.94
C GLN A 519 -13.76 -11.26 29.01
N GLU A 520 -14.95 -10.66 29.19
CA GLU A 520 -16.17 -11.46 29.22
C GLU A 520 -16.49 -12.04 27.86
N LEU A 521 -16.15 -11.32 26.78
CA LEU A 521 -16.30 -11.87 25.44
C LEU A 521 -15.34 -13.02 25.20
N ASP A 522 -14.10 -12.89 25.67
CA ASP A 522 -13.12 -13.96 25.51
C ASP A 522 -13.55 -15.22 26.25
N ARG A 523 -14.09 -15.07 27.47
CA ARG A 523 -14.52 -16.22 28.24
C ARG A 523 -15.70 -16.92 27.57
N GLN A 524 -16.69 -16.16 27.13
CA GLN A 524 -17.87 -16.75 26.52
C GLN A 524 -17.61 -17.27 25.11
N ALA A 525 -16.70 -16.62 24.37
CA ALA A 525 -16.34 -17.15 23.05
C ALA A 525 -15.51 -18.42 23.17
N GLU A 526 -14.59 -18.46 24.13
CA GLU A 526 -13.81 -19.68 24.37
C GLU A 526 -14.71 -20.84 24.74
N ALA A 527 -15.79 -20.57 25.46
CA ALA A 527 -16.71 -21.65 25.84
C ALA A 527 -17.58 -22.05 24.66
N LEU A 528 -18.07 -21.08 23.89
CA LEU A 528 -18.90 -21.39 22.73
C LEU A 528 -18.12 -22.09 21.61
N GLY A 529 -16.79 -21.97 21.61
CA GLY A 529 -15.98 -22.50 20.53
C GLY A 529 -15.24 -21.40 19.80
N LYS A 530 -13.96 -21.22 20.15
CA LYS A 530 -13.20 -20.11 19.61
C LYS A 530 -13.10 -20.15 18.09
N GLU A 531 -13.09 -21.35 17.50
CA GLU A 531 -12.97 -21.47 16.06
C GLU A 531 -14.22 -20.95 15.33
N LYS A 532 -15.34 -20.82 16.02
CA LYS A 532 -16.57 -20.37 15.41
C LYS A 532 -16.69 -18.84 15.40
N PHE A 533 -15.64 -18.12 15.75
CA PHE A 533 -15.71 -16.68 15.92
C PHE A 533 -14.78 -15.97 14.93
N VAL A 534 -15.31 -14.92 14.32
CA VAL A 534 -14.54 -13.94 13.58
C VAL A 534 -14.80 -12.58 14.23
N ILE A 535 -13.74 -11.81 14.48
CA ILE A 535 -13.86 -10.59 15.24
C ILE A 535 -13.21 -9.45 14.45
N SER A 536 -13.98 -8.40 14.20
CA SER A 536 -13.49 -7.18 13.58
C SER A 536 -13.56 -6.04 14.59
N THR A 537 -12.76 -5.00 14.33
CA THR A 537 -12.70 -3.85 15.21
C THR A 537 -12.70 -2.57 14.39
N GLY A 538 -13.05 -1.47 15.04
CA GLY A 538 -12.79 -0.15 14.52
C GLY A 538 -11.34 0.23 14.77
N VAL A 539 -11.11 1.52 15.00
CA VAL A 539 -9.78 2.03 15.25
C VAL A 539 -9.84 2.95 16.46
N GLY A 540 -9.24 2.51 17.56
CA GLY A 540 -9.26 3.32 18.76
C GLY A 540 -8.68 2.55 19.92
N GLN A 541 -9.13 2.91 21.12
CA GLN A 541 -8.75 2.17 22.31
C GLN A 541 -9.30 0.74 22.26
N HIS A 542 -10.58 0.61 21.90
CA HIS A 542 -11.21 -0.70 21.81
C HIS A 542 -10.41 -1.64 20.91
N GLN A 543 -9.78 -1.09 19.86
CA GLN A 543 -8.98 -1.92 18.99
C GLN A 543 -7.84 -2.58 19.75
N MET A 544 -7.19 -1.85 20.66
CA MET A 544 -6.10 -2.43 21.42
C MET A 544 -6.62 -3.38 22.49
N TRP A 545 -7.75 -3.06 23.12
CA TRP A 545 -8.34 -3.97 24.09
C TRP A 545 -8.62 -5.34 23.47
N ALA A 546 -9.11 -5.34 22.23
CA ALA A 546 -9.37 -6.61 21.55
C ALA A 546 -8.08 -7.39 21.31
N CYS A 547 -6.97 -6.69 21.05
CA CYS A 547 -5.71 -7.39 20.87
C CYS A 547 -5.11 -7.84 22.19
N GLN A 548 -5.45 -7.16 23.28
CA GLN A 548 -4.83 -7.45 24.56
C GLN A 548 -5.63 -8.48 25.37
N TYR A 549 -6.95 -8.34 25.44
CA TYR A 549 -7.75 -9.14 26.36
C TYR A 549 -8.62 -10.19 25.68
N TYR A 550 -8.59 -10.27 24.35
CA TYR A 550 -9.20 -11.37 23.61
C TYR A 550 -8.09 -12.26 23.08
N ARG A 551 -8.19 -13.56 23.37
CA ARG A 551 -7.15 -14.51 22.98
C ARG A 551 -7.41 -15.01 21.57
N TRP A 552 -6.40 -14.93 20.73
CA TRP A 552 -6.54 -15.19 19.30
C TRP A 552 -6.00 -16.59 18.99
N THR A 553 -6.85 -17.42 18.38
CA THR A 553 -6.57 -18.83 18.19
C THR A 553 -6.74 -19.24 16.72
N GLU A 554 -7.73 -18.65 16.06
CA GLU A 554 -8.17 -19.11 14.74
C GLU A 554 -7.50 -18.30 13.64
N PRO A 555 -6.90 -18.95 12.64
CA PRO A 555 -6.35 -18.20 11.52
C PRO A 555 -7.44 -17.51 10.72
N ARG A 556 -7.13 -16.29 10.26
CA ARG A 556 -8.06 -15.48 9.46
C ARG A 556 -9.39 -15.28 10.19
N SER A 557 -9.30 -15.03 11.50
CA SER A 557 -10.46 -14.64 12.30
C SER A 557 -10.31 -13.22 12.83
N TRP A 558 -9.33 -12.47 12.33
CA TRP A 558 -8.98 -11.14 12.83
C TRP A 558 -9.06 -10.15 11.67
N VAL A 559 -10.00 -9.21 11.76
CA VAL A 559 -10.29 -8.28 10.68
C VAL A 559 -10.19 -6.87 11.27
N SER A 560 -9.02 -6.27 11.17
CA SER A 560 -8.84 -4.92 11.70
C SER A 560 -7.99 -4.10 10.73
N SER A 561 -8.16 -2.78 10.82
CA SER A 561 -7.37 -1.84 10.04
C SER A 561 -6.15 -1.43 10.86
N GLY A 562 -4.98 -1.95 10.49
CA GLY A 562 -3.78 -1.68 11.24
C GLY A 562 -2.76 -0.81 10.51
N GLY A 563 -2.74 -0.90 9.18
CA GLY A 563 -1.82 -0.12 8.39
C GLY A 563 -2.26 1.32 8.21
N LEU A 564 -3.51 1.51 7.78
CA LEU A 564 -4.05 2.85 7.60
C LEU A 564 -4.81 3.34 8.82
N GLY A 565 -5.40 2.43 9.59
CA GLY A 565 -6.12 2.80 10.79
C GLY A 565 -7.38 3.59 10.51
N THR A 566 -8.21 3.08 9.61
CA THR A 566 -9.43 3.79 9.22
C THR A 566 -10.52 3.53 10.26
N MET A 567 -10.99 4.60 10.90
CA MET A 567 -12.12 4.49 11.80
C MET A 567 -13.40 4.24 11.02
N GLY A 568 -14.33 3.51 11.64
CA GLY A 568 -15.51 3.05 10.94
C GLY A 568 -15.30 1.79 10.14
N PHE A 569 -14.11 1.20 10.19
CA PHE A 569 -13.83 -0.01 9.44
C PHE A 569 -14.55 -1.22 10.03
N GLY A 570 -14.84 -1.19 11.32
CA GLY A 570 -15.31 -2.40 12.00
C GLY A 570 -16.63 -2.89 11.48
N LEU A 571 -17.60 -2.00 11.32
CA LEU A 571 -18.95 -2.44 10.99
C LEU A 571 -19.05 -2.99 9.56
N PRO A 572 -18.62 -2.28 8.51
CA PRO A 572 -18.70 -2.88 7.17
C PRO A 572 -17.81 -4.10 7.00
N SER A 573 -16.59 -4.07 7.54
CA SER A 573 -15.74 -5.25 7.46
C SER A 573 -16.40 -6.45 8.14
N ALA A 574 -17.12 -6.22 9.24
CA ALA A 574 -17.87 -7.30 9.86
C ALA A 574 -18.98 -7.80 8.95
N ILE A 575 -19.69 -6.87 8.30
CA ILE A 575 -20.72 -7.25 7.34
C ILE A 575 -20.11 -8.05 6.20
N GLY A 576 -18.89 -7.68 5.78
CA GLY A 576 -18.19 -8.48 4.79
C GLY A 576 -17.68 -9.79 5.35
N ALA A 577 -17.32 -9.81 6.63
CA ALA A 577 -16.88 -11.05 7.26
C ALA A 577 -18.04 -12.03 7.39
N LYS A 578 -19.16 -11.58 7.94
CA LYS A 578 -20.34 -12.42 8.07
C LYS A 578 -20.82 -12.94 6.72
N VAL A 579 -20.47 -12.25 5.64
CA VAL A 579 -20.85 -12.72 4.32
C VAL A 579 -19.95 -13.88 3.88
N ALA A 580 -18.65 -13.78 4.17
CA ALA A 580 -17.73 -14.85 3.80
C ALA A 580 -17.90 -16.07 4.69
N ALA A 581 -18.38 -15.87 5.92
CA ALA A 581 -18.62 -16.96 6.85
C ALA A 581 -19.96 -16.71 7.55
N PRO A 582 -21.07 -17.02 6.88
CA PRO A 582 -22.39 -16.78 7.49
C PRO A 582 -22.68 -17.66 8.70
N GLU A 583 -21.97 -18.77 8.84
CA GLU A 583 -22.21 -19.70 9.96
C GLU A 583 -21.44 -19.32 11.21
N LYS A 584 -20.56 -18.33 11.17
CA LYS A 584 -19.69 -18.00 12.28
C LYS A 584 -20.22 -16.79 13.05
N TYR A 585 -19.86 -16.73 14.34
CA TYR A 585 -20.13 -15.55 15.16
C TYR A 585 -19.20 -14.43 14.73
N VAL A 586 -19.71 -13.48 13.94
CA VAL A 586 -18.91 -12.35 13.50
C VAL A 586 -19.19 -11.17 14.42
N ILE A 587 -18.23 -10.86 15.29
CA ILE A 587 -18.36 -9.81 16.29
C ILE A 587 -17.62 -8.57 15.80
N ASP A 588 -18.24 -7.41 16.00
CA ASP A 588 -17.63 -6.13 15.66
C ASP A 588 -17.39 -5.36 16.94
N ILE A 589 -16.12 -5.14 17.27
CA ILE A 589 -15.74 -4.39 18.46
C ILE A 589 -15.47 -2.97 17.99
N ASP A 590 -16.48 -2.12 18.06
CA ASP A 590 -16.37 -0.74 17.60
C ASP A 590 -16.49 0.22 18.78
N GLY A 591 -15.94 1.41 18.58
CA GLY A 591 -16.06 2.50 19.53
C GLY A 591 -17.07 3.54 19.06
N ASP A 592 -17.47 4.40 19.99
CA ASP A 592 -18.52 5.37 19.71
C ASP A 592 -18.15 6.30 18.55
N ALA A 593 -16.88 6.66 18.43
CA ALA A 593 -16.48 7.55 17.34
C ALA A 593 -16.29 6.79 16.04
N SER A 594 -15.69 5.60 16.09
CA SER A 594 -15.52 4.79 14.88
C SER A 594 -16.86 4.31 14.35
N PHE A 595 -17.69 3.74 15.23
CA PHE A 595 -19.01 3.27 14.82
C PHE A 595 -19.79 4.38 14.13
N SER A 596 -19.59 5.63 14.56
CA SER A 596 -20.37 6.73 14.01
C SER A 596 -20.00 7.07 12.57
N MET A 597 -18.87 6.55 12.07
CA MET A 597 -18.46 6.88 10.71
C MET A 597 -19.07 5.97 9.66
N THR A 598 -19.58 4.81 10.07
CA THR A 598 -20.17 3.88 9.11
C THR A 598 -21.45 3.23 9.63
N ALA A 599 -22.08 3.77 10.68
CA ALA A 599 -23.16 3.06 11.35
C ALA A 599 -24.38 2.86 10.46
N MET A 600 -24.49 3.61 9.38
CA MET A 600 -25.65 3.46 8.52
C MET A 600 -25.66 2.13 7.79
N GLU A 601 -24.55 1.39 7.80
CA GLU A 601 -24.52 0.10 7.13
C GLU A 601 -25.27 -0.98 7.90
N LEU A 602 -25.74 -0.69 9.11
CA LEU A 602 -26.64 -1.60 9.80
C LEU A 602 -27.91 -1.83 9.00
N ALA A 603 -28.36 -0.81 8.26
CA ALA A 603 -29.49 -0.98 7.36
C ALA A 603 -29.18 -2.01 6.28
N THR A 604 -27.93 -2.08 5.82
CA THR A 604 -27.53 -3.10 4.86
C THR A 604 -27.52 -4.49 5.50
N ALA A 605 -27.11 -4.57 6.77
CA ALA A 605 -27.10 -5.87 7.45
C ALA A 605 -28.52 -6.39 7.64
N SER A 606 -29.47 -5.52 7.98
CA SER A 606 -30.84 -5.97 8.15
C SER A 606 -31.51 -6.29 6.83
N GLN A 607 -31.15 -5.58 5.76
CA GLN A 607 -31.76 -5.82 4.46
C GLN A 607 -31.37 -7.19 3.90
N TYR A 608 -30.16 -7.65 4.19
CA TYR A 608 -29.65 -8.91 3.65
C TYR A 608 -29.58 -10.02 4.68
N ASP A 609 -30.16 -9.82 5.87
CA ASP A 609 -30.14 -10.83 6.94
C ASP A 609 -28.70 -11.23 7.28
N ILE A 610 -27.84 -10.23 7.40
CA ILE A 610 -26.43 -10.42 7.74
C ILE A 610 -26.30 -10.16 9.24
N GLY A 611 -26.27 -11.24 10.01
CA GLY A 611 -26.27 -11.12 11.46
C GLY A 611 -24.92 -10.79 12.06
N VAL A 612 -24.51 -9.54 11.96
CA VAL A 612 -23.30 -9.09 12.63
C VAL A 612 -23.66 -8.68 14.05
N LYS A 613 -22.81 -9.06 14.99
CA LYS A 613 -23.06 -8.80 16.40
C LYS A 613 -22.10 -7.68 16.83
N VAL A 614 -22.64 -6.49 17.06
CA VAL A 614 -21.85 -5.30 17.28
C VAL A 614 -21.65 -5.10 18.79
N LEU A 615 -20.39 -5.02 19.20
CA LEU A 615 -20.00 -4.76 20.58
C LEU A 615 -19.50 -3.32 20.63
N LEU A 616 -20.36 -2.41 21.08
CA LEU A 616 -20.10 -0.97 20.98
C LEU A 616 -19.61 -0.42 22.32
N PHE A 617 -18.44 0.20 22.29
CA PHE A 617 -17.84 0.83 23.47
C PHE A 617 -18.13 2.32 23.42
N ASN A 618 -18.85 2.83 24.41
CA ASN A 618 -19.27 4.22 24.46
C ASN A 618 -18.77 4.89 25.73
N ASN A 619 -18.32 6.14 25.61
CA ASN A 619 -17.88 6.91 26.76
C ASN A 619 -18.22 8.38 26.53
N GLU A 620 -18.71 9.03 27.58
CA GLU A 620 -19.06 10.45 27.51
C GLU A 620 -19.21 11.06 28.90
N THR A 643 -23.31 14.63 23.63
CA THR A 643 -22.29 14.68 22.59
C THR A 643 -22.36 13.43 21.71
N ASN A 644 -23.14 12.44 22.17
CA ASN A 644 -23.32 11.20 21.46
C ASN A 644 -24.79 10.85 21.39
N PRO A 645 -25.21 10.13 20.35
CA PRO A 645 -26.62 9.76 20.20
C PRO A 645 -26.98 8.57 21.09
N ASP A 646 -28.27 8.24 21.07
CA ASP A 646 -28.78 7.01 21.68
C ASP A 646 -28.59 5.89 20.67
N PHE A 647 -27.57 5.06 20.90
CA PHE A 647 -27.22 4.05 19.91
C PHE A 647 -28.23 2.89 19.88
N VAL A 648 -29.07 2.76 20.90
CA VAL A 648 -30.10 1.73 20.88
C VAL A 648 -31.20 2.09 19.90
N LYS A 649 -31.83 3.26 20.11
CA LYS A 649 -32.84 3.71 19.16
C LYS A 649 -32.26 3.91 17.77
N LEU A 650 -30.98 4.25 17.69
CA LEU A 650 -30.31 4.37 16.40
C LEU A 650 -30.27 3.03 15.67
N SER A 651 -29.87 1.97 16.39
CA SER A 651 -29.72 0.66 15.76
C SER A 651 -31.08 0.08 15.36
N GLU A 652 -32.05 0.13 16.27
CA GLU A 652 -33.37 -0.42 15.98
C GLU A 652 -34.12 0.37 14.92
N SER A 653 -33.61 1.55 14.54
CA SER A 653 -34.20 2.29 13.44
C SER A 653 -34.09 1.52 12.13
N MET A 654 -33.00 0.78 11.95
CA MET A 654 -32.72 0.07 10.70
C MET A 654 -32.74 -1.44 10.87
N GLY A 655 -33.39 -1.96 11.91
CA GLY A 655 -33.56 -3.39 12.06
C GLY A 655 -32.59 -4.09 12.98
N ALA A 656 -31.59 -3.39 13.52
CA ALA A 656 -30.64 -3.98 14.45
C ALA A 656 -31.24 -3.94 15.85
N LYS A 657 -31.66 -5.09 16.37
CA LYS A 657 -32.37 -5.18 17.65
C LYS A 657 -31.36 -5.06 18.80
N GLY A 658 -30.82 -3.86 18.94
CA GLY A 658 -29.76 -3.62 19.91
C GLY A 658 -30.26 -3.49 21.34
N LEU A 659 -29.31 -3.58 22.26
CA LEU A 659 -29.58 -3.44 23.69
C LEU A 659 -28.34 -2.84 24.36
N ARG A 660 -28.54 -2.35 25.58
CA ARG A 660 -27.51 -1.60 26.29
C ARG A 660 -27.19 -2.24 27.64
N CYS A 661 -25.89 -2.33 27.95
CA CYS A 661 -25.40 -2.82 29.23
C CYS A 661 -24.65 -1.70 29.95
N THR A 662 -24.55 -1.82 31.28
CA THR A 662 -23.96 -0.73 32.04
C THR A 662 -23.31 -1.15 33.36
N LYS A 663 -23.14 -2.44 33.64
CA LYS A 663 -22.54 -2.84 34.91
C LYS A 663 -21.89 -4.21 34.75
N LEU A 664 -20.82 -4.44 35.52
CA LEU A 664 -20.15 -5.73 35.48
C LEU A 664 -21.09 -6.84 35.96
N GLU A 665 -21.88 -6.57 37.00
CA GLU A 665 -22.86 -7.55 37.45
C GLU A 665 -23.89 -7.85 36.37
N ASP A 666 -24.13 -6.90 35.48
CA ASP A 666 -25.03 -7.07 34.36
C ASP A 666 -24.37 -7.68 33.14
N LEU A 667 -23.03 -7.74 33.12
CA LEU A 667 -22.32 -8.00 31.87
C LEU A 667 -22.50 -9.41 31.33
N PRO A 668 -22.34 -10.48 32.12
CA PRO A 668 -22.44 -11.83 31.53
C PRO A 668 -23.79 -12.11 30.87
N ARG A 669 -24.89 -11.70 31.51
CA ARG A 669 -26.21 -11.94 30.94
C ARG A 669 -26.37 -11.20 29.62
N MET A 670 -25.96 -9.93 29.58
CA MET A 670 -26.08 -9.15 28.35
C MET A 670 -25.16 -9.69 27.26
N MET A 671 -23.96 -10.13 27.64
CA MET A 671 -23.03 -10.70 26.66
C MET A 671 -23.59 -12.00 26.09
N LYS A 672 -24.23 -12.81 26.93
CA LYS A 672 -24.78 -14.08 26.45
C LYS A 672 -25.99 -13.85 25.56
N GLU A 673 -26.93 -13.01 26.00
CA GLU A 673 -28.11 -12.70 25.20
C GLU A 673 -27.72 -12.08 23.87
N PHE A 674 -26.62 -11.32 23.84
CA PHE A 674 -26.15 -10.67 22.62
C PHE A 674 -25.51 -11.67 21.66
N LEU A 675 -24.79 -12.66 22.19
CA LEU A 675 -24.27 -13.73 21.37
C LEU A 675 -25.36 -14.73 20.97
N GLU A 676 -26.34 -14.96 21.85
CA GLU A 676 -27.41 -15.90 21.55
C GLU A 676 -28.36 -15.40 20.47
N TYR A 677 -28.31 -14.11 20.15
CA TYR A 677 -29.28 -13.54 19.22
C TYR A 677 -29.16 -14.21 17.86
N ASP A 678 -30.22 -14.05 17.06
CA ASP A 678 -30.31 -14.66 15.74
C ASP A 678 -29.09 -14.32 14.89
N GLY A 679 -28.39 -15.36 14.44
CA GLY A 679 -27.22 -15.19 13.61
C GLY A 679 -27.50 -14.61 12.24
N LYS A 680 -28.76 -14.51 11.83
CA LYS A 680 -29.15 -13.87 10.59
C LYS A 680 -29.86 -12.54 10.85
N ARG A 681 -29.56 -11.91 11.97
CA ARG A 681 -30.19 -10.66 12.38
C ARG A 681 -29.20 -9.83 13.18
N PRO A 682 -28.92 -8.59 12.76
CA PRO A 682 -27.91 -7.79 13.44
C PRO A 682 -28.40 -7.30 14.80
N ILE A 683 -27.43 -7.08 15.70
CA ILE A 683 -27.71 -6.66 17.06
C ILE A 683 -26.52 -5.86 17.57
N VAL A 684 -26.81 -4.84 18.38
CA VAL A 684 -25.78 -3.97 18.94
C VAL A 684 -25.83 -4.07 20.46
N LEU A 685 -24.70 -4.38 21.07
CA LEU A 685 -24.57 -4.36 22.52
C LEU A 685 -23.76 -3.12 22.88
N GLU A 686 -24.48 -2.04 23.21
CA GLU A 686 -23.84 -0.82 23.68
C GLU A 686 -23.40 -1.01 25.12
N CYS A 687 -22.16 -0.63 25.40
CA CYS A 687 -21.59 -0.75 26.73
C CYS A 687 -21.16 0.65 27.19
N LEU A 688 -21.80 1.12 28.26
CA LEU A 688 -21.39 2.37 28.91
C LEU A 688 -20.07 2.10 29.61
N VAL A 689 -18.99 2.60 29.03
CA VAL A 689 -17.63 2.22 29.40
C VAL A 689 -16.87 3.47 29.85
N SER A 690 -16.10 3.32 30.93
CA SER A 690 -15.22 4.38 31.43
C SER A 690 -13.89 4.26 30.72
N SER A 691 -13.68 5.06 29.68
CA SER A 691 -12.47 4.96 28.88
C SER A 691 -11.23 5.29 29.70
N GLU A 692 -10.24 4.42 29.63
CA GLU A 692 -8.97 4.60 30.34
C GLU A 692 -7.83 4.72 29.32
N HIS A 693 -6.61 4.69 29.82
CA HIS A 693 -5.42 4.64 28.97
C HIS A 693 -5.13 3.20 28.58
N VAL A 694 -4.26 3.04 27.58
CA VAL A 694 -3.85 1.73 27.08
C VAL A 694 -2.44 1.43 27.58
N TYR A 695 -2.30 0.36 28.36
CA TYR A 695 -1.03 -0.11 28.86
C TYR A 695 -0.85 -1.58 28.49
N PRO A 696 0.38 -2.01 28.15
CA PRO A 696 1.60 -1.18 28.11
C PRO A 696 1.61 -0.23 26.92
N MET A 697 2.48 0.77 26.95
CA MET A 697 2.65 1.67 25.83
C MET A 697 4.12 2.01 25.69
N ILE A 698 4.52 2.33 24.47
CA ILE A 698 5.88 2.78 24.18
C ILE A 698 5.84 4.29 23.98
N PRO A 699 6.50 5.08 24.83
CA PRO A 699 6.53 6.53 24.61
C PRO A 699 7.23 6.88 23.31
N ALA A 700 7.12 8.14 22.93
CA ALA A 700 7.77 8.62 21.71
C ALA A 700 9.29 8.55 21.88
N GLY A 701 9.95 7.82 20.99
CA GLY A 701 11.39 7.75 21.01
C GLY A 701 11.99 6.85 22.07
N LYS A 702 11.23 5.86 22.55
CA LYS A 702 11.71 4.93 23.55
C LYS A 702 11.75 3.52 22.97
N ALA A 703 12.63 2.70 23.52
CA ALA A 703 12.79 1.32 23.06
C ALA A 703 11.61 0.46 23.51
N LEU A 704 11.62 -0.80 23.05
CA LEU A 704 10.52 -1.69 23.43
C LEU A 704 10.61 -2.12 24.89
N HIS A 705 11.82 -2.33 25.40
CA HIS A 705 12.00 -2.71 26.79
C HIS A 705 11.97 -1.52 27.75
N GLU A 706 11.89 -0.29 27.22
CA GLU A 706 11.50 0.87 28.01
C GLU A 706 9.99 1.05 28.01
N GLN A 707 9.28 -0.07 28.06
CA GLN A 707 7.82 -0.08 27.98
C GLN A 707 7.21 0.61 29.19
N LEU A 708 5.91 0.89 29.10
CA LEU A 708 5.23 1.67 30.12
C LEU A 708 4.07 0.92 30.76
N LEU A 709 4.35 -0.22 31.39
CA LEU A 709 3.39 -0.81 32.31
C LEU A 709 3.29 0.06 33.54
N HIS A 710 2.08 0.23 34.05
CA HIS A 710 1.90 1.25 35.06
C HIS A 710 0.88 0.93 36.16
N PRO A 711 -0.30 0.31 35.85
CA PRO A 711 -1.35 0.23 36.89
C PRO A 711 -0.87 -0.27 38.25
N LEU A 712 -0.42 -1.51 38.32
CA LEU A 712 0.05 -2.10 39.57
C LEU A 712 1.38 -2.81 39.37
N LEU A 713 2.15 -2.37 38.37
CA LEU A 713 3.41 -3.01 38.03
C LEU A 713 4.61 -2.07 38.09
N ARG A 714 4.42 -0.80 38.44
CA ARG A 714 5.53 0.15 38.49
C ARG A 714 6.64 -0.19 39.47
N PRO B 74 24.94 14.24 2.79
CA PRO B 74 25.66 14.80 1.63
C PRO B 74 24.76 14.89 0.40
N ARG B 75 23.97 15.95 0.29
CA ARG B 75 23.00 16.03 -0.79
C ARG B 75 23.69 16.00 -2.15
N LYS B 76 23.87 14.80 -2.70
CA LYS B 76 24.52 14.60 -3.98
C LYS B 76 23.49 14.46 -5.09
N GLN B 77 23.97 14.46 -6.34
CA GLN B 77 23.12 14.31 -7.51
C GLN B 77 23.13 12.85 -7.92
N HIS B 78 21.94 12.32 -8.25
CA HIS B 78 21.79 10.90 -8.57
C HIS B 78 21.11 10.72 -9.93
N VAL B 79 21.46 9.62 -10.60
CA VAL B 79 20.97 9.29 -11.93
C VAL B 79 20.38 7.87 -11.87
N LEU B 80 19.09 7.76 -12.16
CA LEU B 80 18.37 6.48 -12.16
C LEU B 80 18.01 6.10 -13.59
N ASN B 81 18.30 4.85 -13.96
CA ASN B 81 17.90 4.29 -15.24
C ASN B 81 16.83 3.24 -14.96
N CYS B 82 15.68 3.38 -15.61
CA CYS B 82 14.54 2.50 -15.38
C CYS B 82 14.16 1.81 -16.69
N LEU B 83 13.97 0.50 -16.62
CA LEU B 83 13.26 -0.23 -17.66
C LEU B 83 11.80 -0.33 -17.23
N VAL B 84 10.91 0.20 -18.08
CA VAL B 84 9.55 0.48 -17.67
C VAL B 84 8.60 0.11 -18.81
N GLN B 85 7.38 -0.26 -18.43
CA GLN B 85 6.36 -0.63 -19.39
C GLN B 85 5.88 0.60 -20.15
N ASN B 86 5.49 0.39 -21.41
CA ASN B 86 5.04 1.48 -22.26
C ASN B 86 3.52 1.48 -22.35
N GLU B 87 2.87 1.53 -21.20
CA GLU B 87 1.45 1.77 -21.08
C GLU B 87 1.21 3.19 -20.61
N PRO B 88 0.00 3.72 -20.74
CA PRO B 88 -0.27 5.06 -20.20
C PRO B 88 -0.22 5.07 -18.68
N GLY B 89 0.21 6.20 -18.13
CA GLY B 89 0.17 6.46 -16.71
C GLY B 89 1.42 6.13 -15.93
N VAL B 90 2.30 5.27 -16.45
CA VAL B 90 3.45 4.87 -15.66
C VAL B 90 4.40 6.04 -15.43
N LEU B 91 4.50 6.96 -16.39
CA LEU B 91 5.26 8.17 -16.13
C LEU B 91 4.64 8.95 -14.97
N SER B 92 3.31 9.08 -14.98
CA SER B 92 2.64 9.75 -13.86
C SER B 92 2.84 8.97 -12.57
N ARG B 93 2.85 7.64 -12.65
CA ARG B 93 3.06 6.84 -11.45
C ARG B 93 4.50 6.95 -10.96
N VAL B 94 5.48 6.84 -11.87
CA VAL B 94 6.87 6.93 -11.45
C VAL B 94 7.22 8.36 -11.03
N SER B 95 6.80 9.36 -11.80
CA SER B 95 7.02 10.75 -11.38
C SER B 95 6.36 11.02 -10.05
N GLY B 96 5.17 10.47 -9.82
CA GLY B 96 4.49 10.71 -8.56
C GLY B 96 5.14 10.01 -7.39
N THR B 97 5.74 8.84 -7.63
CA THR B 97 6.38 8.11 -6.54
C THR B 97 7.52 8.91 -5.95
N LEU B 98 8.27 9.63 -6.79
CA LEU B 98 9.33 10.50 -6.30
C LEU B 98 8.75 11.76 -5.65
N ALA B 99 7.64 12.27 -6.19
CA ALA B 99 6.99 13.42 -5.58
C ALA B 99 6.41 13.08 -4.21
N ALA B 100 6.07 11.81 -3.98
CA ALA B 100 5.58 11.41 -2.67
C ALA B 100 6.62 11.66 -1.59
N ARG B 101 7.90 11.47 -1.94
CA ARG B 101 9.02 11.67 -1.05
C ARG B 101 9.55 13.09 -1.09
N GLY B 102 8.86 14.00 -1.78
CA GLY B 102 9.34 15.35 -1.92
C GLY B 102 10.65 15.38 -2.70
N PHE B 103 10.61 14.86 -3.92
CA PHE B 103 11.75 14.86 -4.84
C PHE B 103 11.41 15.73 -6.05
N ASN B 104 12.32 16.63 -6.40
CA ASN B 104 12.20 17.41 -7.62
C ASN B 104 12.98 16.70 -8.71
N ILE B 105 12.28 16.30 -9.78
CA ILE B 105 12.94 15.76 -10.96
C ILE B 105 13.67 16.91 -11.66
N ASP B 106 14.98 16.93 -11.56
CA ASP B 106 15.73 17.96 -12.26
C ASP B 106 15.77 17.70 -13.76
N SER B 107 15.82 16.44 -14.17
CA SER B 107 15.74 16.09 -15.59
C SER B 107 15.21 14.68 -15.71
N LEU B 108 14.45 14.43 -16.77
CA LEU B 108 13.95 13.09 -17.06
C LEU B 108 13.90 12.91 -18.56
N VAL B 109 14.34 11.74 -19.01
CA VAL B 109 14.32 11.36 -20.41
C VAL B 109 13.67 9.99 -20.49
N VAL B 110 12.72 9.83 -21.41
CA VAL B 110 12.02 8.56 -21.56
C VAL B 110 11.67 8.37 -23.03
N CYS B 111 11.83 7.15 -23.52
CA CYS B 111 11.57 6.82 -24.91
C CYS B 111 11.34 5.31 -25.03
N ASN B 112 10.84 4.90 -26.19
CA ASN B 112 10.62 3.48 -26.45
C ASN B 112 11.95 2.75 -26.63
N THR B 113 11.94 1.46 -26.28
CA THR B 113 12.99 0.56 -26.73
C THR B 113 12.62 0.02 -28.11
N GLU B 114 13.51 -0.79 -28.68
CA GLU B 114 13.13 -1.52 -29.89
C GLU B 114 11.92 -2.40 -29.65
N VAL B 115 11.76 -2.89 -28.42
CA VAL B 115 10.53 -3.53 -27.99
C VAL B 115 9.46 -2.47 -27.82
N LYS B 116 8.40 -2.55 -28.62
CA LYS B 116 7.40 -1.49 -28.67
C LYS B 116 6.70 -1.30 -27.32
N ASP B 117 6.54 -2.38 -26.55
CA ASP B 117 5.81 -2.34 -25.29
C ASP B 117 6.70 -2.05 -24.09
N LEU B 118 7.95 -1.66 -24.32
CA LEU B 118 8.89 -1.34 -23.25
C LEU B 118 9.51 0.03 -23.50
N SER B 119 9.80 0.72 -22.41
CA SER B 119 10.42 2.03 -22.45
C SER B 119 11.55 2.10 -21.43
N ARG B 120 12.63 2.75 -21.83
CA ARG B 120 13.78 3.03 -20.97
C ARG B 120 13.75 4.50 -20.61
N MET B 121 14.02 4.81 -19.35
CA MET B 121 14.01 6.20 -18.93
C MET B 121 15.16 6.48 -17.96
N THR B 122 15.70 7.69 -18.06
CA THR B 122 16.78 8.17 -17.21
C THR B 122 16.26 9.33 -16.36
N ILE B 123 16.40 9.21 -15.05
CA ILE B 123 15.88 10.18 -14.10
C ILE B 123 17.05 10.77 -13.32
N VAL B 124 17.11 12.11 -13.25
CA VAL B 124 18.19 12.83 -12.58
C VAL B 124 17.59 13.73 -11.51
N LEU B 125 18.12 13.64 -10.29
CA LEU B 125 17.60 14.39 -9.16
C LEU B 125 18.67 14.52 -8.09
N GLN B 126 18.37 15.33 -7.09
CA GLN B 126 19.29 15.60 -5.99
C GLN B 126 18.75 15.00 -4.70
N GLY B 127 19.62 14.34 -3.96
CA GLY B 127 19.25 13.80 -2.67
C GLY B 127 20.40 13.01 -2.08
N GLN B 128 20.26 12.71 -0.79
CA GLN B 128 21.23 11.89 -0.10
C GLN B 128 20.98 10.42 -0.41
N ASP B 129 22.07 9.66 -0.56
CA ASP B 129 22.02 8.31 -1.12
C ASP B 129 21.06 7.43 -0.34
N GLY B 130 21.00 7.63 0.98
CA GLY B 130 20.09 6.88 1.83
C GLY B 130 18.65 6.97 1.37
N VAL B 131 18.14 8.20 1.28
CA VAL B 131 16.75 8.39 0.85
C VAL B 131 16.58 7.99 -0.61
N ILE B 132 17.57 8.30 -1.45
CA ILE B 132 17.47 7.98 -2.87
C ILE B 132 17.46 6.47 -3.09
N GLU B 133 18.17 5.70 -2.26
CA GLU B 133 18.19 4.26 -2.43
C GLU B 133 16.82 3.65 -2.12
N GLN B 134 16.19 4.05 -1.01
CA GLN B 134 14.88 3.51 -0.70
C GLN B 134 13.83 4.01 -1.68
N ALA B 135 13.99 5.23 -2.22
CA ALA B 135 13.13 5.66 -3.31
C ALA B 135 13.33 4.80 -4.54
N ARG B 136 14.59 4.49 -4.87
CA ARG B 136 14.87 3.60 -6.00
C ARG B 136 14.27 2.22 -5.79
N ARG B 137 14.40 1.68 -4.57
CA ARG B 137 13.81 0.38 -4.26
C ARG B 137 12.29 0.42 -4.24
N GLN B 138 11.70 1.59 -3.95
CA GLN B 138 10.25 1.72 -4.03
C GLN B 138 9.79 1.74 -5.48
N ILE B 139 10.51 2.45 -6.34
CA ILE B 139 10.15 2.53 -7.75
C ILE B 139 10.19 1.14 -8.39
N GLU B 140 11.29 0.42 -8.16
CA GLU B 140 11.45 -0.92 -8.73
C GLU B 140 10.33 -1.87 -8.30
N ASP B 141 9.69 -1.60 -7.16
CA ASP B 141 8.59 -2.44 -6.72
C ASP B 141 7.36 -2.25 -7.59
N LEU B 142 7.23 -1.09 -8.24
CA LEU B 142 6.04 -0.80 -9.03
C LEU B 142 5.84 -1.86 -10.11
N VAL B 143 4.56 -2.15 -10.38
CA VAL B 143 4.23 -3.19 -11.34
C VAL B 143 4.77 -2.88 -12.74
N PRO B 144 4.53 -1.70 -13.32
CA PRO B 144 5.06 -1.44 -14.66
C PRO B 144 6.57 -1.28 -14.70
N VAL B 145 7.24 -1.25 -13.55
CA VAL B 145 8.67 -1.03 -13.46
C VAL B 145 9.36 -2.38 -13.34
N TYR B 146 10.31 -2.65 -14.23
CA TYR B 146 11.00 -3.93 -14.27
C TYR B 146 12.41 -3.87 -13.68
N ALA B 147 13.05 -2.71 -13.71
CA ALA B 147 14.36 -2.54 -13.08
C ALA B 147 14.68 -1.06 -12.97
N VAL B 148 15.29 -0.68 -11.86
CA VAL B 148 15.81 0.67 -11.66
C VAL B 148 17.23 0.54 -11.12
N LEU B 149 18.18 1.12 -11.84
CA LEU B 149 19.58 1.06 -11.46
C LEU B 149 20.04 2.45 -11.05
N ASP B 150 20.65 2.54 -9.88
CA ASP B 150 21.24 3.78 -9.38
C ASP B 150 22.65 3.87 -9.94
N TYR B 151 22.78 4.36 -11.17
CA TYR B 151 24.06 4.47 -11.87
C TYR B 151 24.94 5.60 -11.36
N THR B 152 24.58 6.23 -10.24
CA THR B 152 25.31 7.40 -9.76
C THR B 152 26.74 7.05 -9.36
N ASN B 153 26.89 6.11 -8.43
CA ASN B 153 28.21 5.69 -7.95
C ASN B 153 28.86 4.66 -8.85
N SER B 154 28.80 4.84 -10.16
CA SER B 154 29.41 3.91 -11.10
C SER B 154 29.93 4.68 -12.30
N GLU B 155 30.74 4.00 -13.11
CA GLU B 155 31.34 4.59 -14.30
C GLU B 155 30.27 4.71 -15.38
N ILE B 156 29.69 5.89 -15.52
CA ILE B 156 28.70 6.16 -16.56
C ILE B 156 29.25 7.21 -17.49
N ILE B 157 28.60 7.34 -18.65
CA ILE B 157 28.96 8.32 -19.66
C ILE B 157 27.88 9.38 -19.66
N LYS B 158 28.20 10.56 -19.11
CA LYS B 158 27.22 11.64 -19.01
C LYS B 158 27.20 12.41 -20.33
N ARG B 159 26.03 12.48 -20.96
CA ARG B 159 25.84 13.25 -22.18
C ARG B 159 24.47 13.91 -22.15
N GLU B 160 24.31 14.97 -22.94
CA GLU B 160 23.06 15.71 -23.00
C GLU B 160 23.01 16.47 -24.31
N LEU B 161 21.87 16.37 -25.01
CA LEU B 161 21.66 17.07 -26.27
C LEU B 161 20.97 18.39 -26.01
N VAL B 162 21.47 19.46 -26.63
CA VAL B 162 20.87 20.78 -26.52
C VAL B 162 20.69 21.35 -27.93
N MET B 163 19.54 21.97 -28.15
CA MET B 163 19.28 22.78 -29.34
C MET B 163 19.04 24.21 -28.88
N ALA B 164 19.58 25.17 -29.63
CA ALA B 164 19.51 26.57 -29.24
C ALA B 164 19.36 27.45 -30.48
N ARG B 165 18.36 28.33 -30.45
CA ARG B 165 18.17 29.35 -31.48
C ARG B 165 18.80 30.64 -31.00
N ILE B 166 19.78 31.14 -31.73
CA ILE B 166 20.57 32.29 -31.31
C ILE B 166 20.41 33.40 -32.33
N SER B 167 20.09 34.60 -31.84
CA SER B 167 19.91 35.74 -32.73
C SER B 167 21.25 36.23 -33.24
N LEU B 168 21.29 36.60 -34.52
CA LEU B 168 22.48 37.13 -35.15
C LEU B 168 22.57 38.64 -35.06
N LEU B 169 21.59 39.29 -34.43
CA LEU B 169 21.48 40.75 -34.44
C LEU B 169 22.23 41.43 -33.30
N GLY B 170 22.72 40.68 -32.31
CA GLY B 170 23.55 41.23 -31.27
C GLY B 170 22.76 41.79 -30.11
N THR B 171 23.49 42.05 -29.02
CA THR B 171 22.88 42.45 -27.76
C THR B 171 22.23 43.81 -27.79
N GLU B 172 22.49 44.63 -28.81
CA GLU B 172 21.77 45.89 -28.99
C GLU B 172 20.33 45.59 -29.35
N TYR B 173 20.13 45.16 -30.60
CA TYR B 173 18.81 44.79 -31.09
C TYR B 173 18.10 43.80 -30.16
N PHE B 174 18.87 42.90 -29.53
CA PHE B 174 18.25 41.87 -28.71
C PHE B 174 17.42 42.46 -27.58
N GLU B 175 17.81 43.62 -27.06
CA GLU B 175 17.05 44.23 -25.97
C GLU B 175 15.68 44.71 -26.46
N ASP B 176 15.60 45.14 -27.72
CA ASP B 176 14.31 45.50 -28.31
C ASP B 176 13.30 44.37 -28.15
N LEU B 177 13.71 43.15 -28.50
CA LEU B 177 12.84 42.00 -28.35
C LEU B 177 12.50 41.74 -26.88
N LEU B 178 13.52 41.79 -26.02
CA LEU B 178 13.29 41.64 -24.58
C LEU B 178 12.36 42.73 -24.07
N LEU B 179 12.55 43.97 -24.51
CA LEU B 179 11.66 45.05 -24.10
C LEU B 179 10.25 44.83 -24.62
N HIS B 180 10.12 44.34 -25.85
CA HIS B 180 8.81 44.27 -26.48
C HIS B 180 8.05 42.99 -26.14
N HIS B 181 8.67 42.06 -25.42
CA HIS B 181 7.90 40.96 -24.84
C HIS B 181 7.81 41.19 -23.34
N HIS B 182 7.39 42.40 -22.98
CA HIS B 182 6.99 42.81 -21.64
C HIS B 182 6.30 44.15 -21.81
N THR B 183 6.48 44.75 -22.99
CA THR B 183 5.87 46.02 -23.35
C THR B 183 4.41 45.83 -23.77
N VAL B 196 13.93 51.98 -24.55
CA VAL B 196 13.92 51.73 -25.99
C VAL B 196 14.50 52.93 -26.73
N ALA B 197 14.38 54.11 -26.11
CA ALA B 197 14.88 55.33 -26.75
C ALA B 197 16.40 55.27 -26.92
N GLU B 198 17.12 55.00 -25.83
CA GLU B 198 18.57 54.92 -25.90
C GLU B 198 19.01 53.68 -26.67
N ILE B 199 18.31 52.56 -26.48
CA ILE B 199 18.75 51.30 -27.05
C ILE B 199 18.75 51.35 -28.58
N ARG B 200 17.72 51.98 -29.16
CA ARG B 200 17.65 52.13 -30.61
C ARG B 200 18.57 53.22 -31.14
N GLU B 201 19.23 53.97 -30.26
CA GLU B 201 20.27 54.91 -30.65
C GLU B 201 21.67 54.38 -30.37
N LYS B 202 21.79 53.14 -29.89
CA LYS B 202 23.10 52.56 -29.65
C LYS B 202 23.85 52.42 -30.98
N GLN B 203 25.18 52.46 -30.89
CA GLN B 203 26.01 52.61 -32.09
C GLN B 203 25.77 51.48 -33.08
N PHE B 204 25.69 50.23 -32.59
CA PHE B 204 25.62 49.06 -33.46
C PHE B 204 24.24 48.43 -33.46
N HIS B 205 23.20 49.25 -33.41
CA HIS B 205 21.83 48.82 -33.61
C HIS B 205 21.50 48.87 -35.10
N PRO B 206 20.79 47.88 -35.63
CA PRO B 206 20.57 47.81 -37.10
C PRO B 206 19.96 49.07 -37.72
N ALA B 207 19.18 49.85 -36.97
CA ALA B 207 18.57 51.05 -37.52
C ALA B 207 19.59 52.13 -37.83
N ASN B 208 20.74 52.13 -37.14
CA ASN B 208 21.77 53.12 -37.35
C ASN B 208 22.85 52.65 -38.31
N LEU B 209 22.68 51.48 -38.92
CA LEU B 209 23.68 50.84 -39.74
C LEU B 209 23.15 50.58 -41.14
N PRO B 210 24.01 50.70 -42.16
CA PRO B 210 23.60 50.34 -43.52
C PRO B 210 23.28 48.85 -43.62
N ALA B 211 22.65 48.49 -44.74
CA ALA B 211 22.16 47.13 -44.89
C ALA B 211 23.31 46.10 -44.94
N SER B 212 24.48 46.49 -45.45
CA SER B 212 25.58 45.54 -45.58
C SER B 212 26.27 45.28 -44.25
N GLU B 213 26.55 46.34 -43.49
CA GLU B 213 27.16 46.12 -42.19
C GLU B 213 26.23 45.32 -41.28
N VAL B 214 24.92 45.46 -41.46
CA VAL B 214 23.99 44.56 -40.80
C VAL B 214 24.16 43.15 -41.34
N LEU B 215 24.27 43.00 -42.65
CA LEU B 215 24.54 41.69 -43.24
C LEU B 215 25.91 41.16 -42.78
N ARG B 216 26.93 42.01 -42.80
CA ARG B 216 28.27 41.57 -42.42
C ARG B 216 28.33 41.22 -40.94
N LEU B 217 27.67 42.01 -40.10
CA LEU B 217 27.69 41.74 -38.67
C LEU B 217 26.83 40.54 -38.29
N LYS B 218 25.73 40.32 -39.01
CA LYS B 218 24.96 39.10 -38.78
C LYS B 218 25.80 37.87 -39.13
N HIS B 219 26.57 37.93 -40.21
CA HIS B 219 27.44 36.82 -40.57
C HIS B 219 28.67 36.75 -39.68
N GLU B 220 29.16 37.90 -39.20
CA GLU B 220 30.24 37.88 -38.23
C GLU B 220 29.76 37.24 -36.93
N HIS B 221 28.59 37.66 -36.43
CA HIS B 221 28.01 37.02 -35.27
C HIS B 221 27.74 35.54 -35.55
N LEU B 222 27.26 35.23 -36.76
CA LEU B 222 27.08 33.83 -37.15
C LEU B 222 28.41 33.09 -37.18
N ASN B 223 29.46 33.75 -37.66
CA ASN B 223 30.77 33.10 -37.72
C ASN B 223 31.31 32.85 -36.31
N ASP B 224 31.05 33.76 -35.37
CA ASP B 224 31.49 33.54 -34.00
C ASP B 224 30.73 32.38 -33.36
N ILE B 225 29.40 32.34 -33.56
CA ILE B 225 28.58 31.26 -33.00
C ILE B 225 28.98 29.92 -33.61
N THR B 226 29.25 29.91 -34.92
CA THR B 226 29.66 28.67 -35.58
C THR B 226 31.01 28.21 -35.08
N ASN B 227 31.98 29.11 -34.98
CA ASN B 227 33.30 28.73 -34.46
C ASN B 227 33.17 28.26 -33.02
N LEU B 228 32.29 28.89 -32.24
CA LEU B 228 32.09 28.49 -30.86
C LEU B 228 31.44 27.11 -30.78
N THR B 229 30.38 26.89 -31.55
CA THR B 229 29.71 25.59 -31.49
C THR B 229 30.55 24.49 -32.12
N ASN B 230 31.39 24.83 -33.11
CA ASN B 230 32.31 23.85 -33.67
C ASN B 230 33.35 23.43 -32.64
N ASN B 231 33.76 24.36 -31.77
CA ASN B 231 34.80 24.05 -30.80
C ASN B 231 34.32 23.09 -29.72
N PHE B 232 33.03 23.13 -29.37
CA PHE B 232 32.46 22.22 -28.40
C PHE B 232 32.02 20.89 -28.99
N GLY B 233 32.15 20.73 -30.31
CA GLY B 233 31.68 19.52 -30.96
C GLY B 233 30.27 19.60 -31.47
N GLY B 234 29.74 20.81 -31.68
CA GLY B 234 28.38 21.00 -32.12
C GLY B 234 28.30 21.27 -33.62
N ARG B 235 27.06 21.49 -34.07
CA ARG B 235 26.77 21.72 -35.47
C ARG B 235 25.71 22.80 -35.60
N VAL B 236 25.90 23.68 -36.58
CA VAL B 236 24.89 24.68 -36.93
C VAL B 236 23.89 23.99 -37.87
N VAL B 237 22.66 23.83 -37.39
CA VAL B 237 21.67 23.01 -38.08
C VAL B 237 20.79 23.84 -39.02
N ASP B 238 20.32 25.00 -38.55
CA ASP B 238 19.44 25.86 -39.34
C ASP B 238 19.96 27.29 -39.29
N ILE B 239 19.81 27.99 -40.41
CA ILE B 239 20.20 29.39 -40.52
C ILE B 239 19.07 30.16 -41.20
N SER B 240 18.74 31.31 -40.64
CA SER B 240 17.71 32.20 -41.20
C SER B 240 18.25 33.62 -41.26
N GLU B 241 17.41 34.54 -41.73
CA GLU B 241 17.84 35.92 -41.89
C GLU B 241 18.24 36.55 -40.55
N THR B 242 17.56 36.14 -39.47
CA THR B 242 17.76 36.78 -38.18
C THR B 242 18.48 35.92 -37.16
N SER B 243 18.48 34.60 -37.32
CA SER B 243 18.96 33.72 -36.27
C SER B 243 19.51 32.44 -36.88
N CYS B 244 19.90 31.52 -36.00
CA CYS B 244 20.44 30.23 -36.38
C CYS B 244 20.22 29.26 -35.23
N ILE B 245 20.22 27.97 -35.56
CA ILE B 245 20.03 26.91 -34.58
C ILE B 245 21.30 26.10 -34.49
N VAL B 246 21.82 25.92 -33.28
CA VAL B 246 23.00 25.10 -33.04
C VAL B 246 22.57 23.84 -32.30
N GLU B 247 23.25 22.75 -32.60
CA GLU B 247 23.01 21.45 -31.97
C GLU B 247 24.31 20.99 -31.34
N LEU B 248 24.25 20.59 -30.07
CA LEU B 248 25.44 20.17 -29.34
C LEU B 248 25.09 19.03 -28.40
N SER B 249 25.97 18.03 -28.36
CA SER B 249 25.82 16.89 -27.46
C SER B 249 27.17 16.66 -26.80
N ALA B 250 27.25 16.85 -25.49
CA ALA B 250 28.47 16.65 -24.74
C ALA B 250 28.10 16.44 -23.27
N LYS B 251 29.11 16.41 -22.40
CA LYS B 251 28.89 16.34 -20.97
C LYS B 251 27.99 17.50 -20.53
N PRO B 252 27.13 17.29 -19.53
CA PRO B 252 26.27 18.39 -19.06
C PRO B 252 27.05 19.60 -18.60
N THR B 253 28.28 19.41 -18.11
CA THR B 253 29.13 20.55 -17.81
C THR B 253 29.43 21.35 -19.08
N ARG B 254 29.85 20.66 -20.14
CA ARG B 254 30.11 21.34 -21.41
C ARG B 254 28.85 22.02 -21.94
N ILE B 255 27.68 21.41 -21.72
CA ILE B 255 26.44 21.99 -22.23
C ILE B 255 26.14 23.29 -21.52
N SER B 256 26.18 23.29 -20.19
CA SER B 256 25.95 24.52 -19.44
C SER B 256 27.00 25.57 -19.79
N ALA B 257 28.26 25.15 -19.96
CA ALA B 257 29.31 26.11 -20.30
C ALA B 257 29.08 26.73 -21.67
N PHE B 258 28.66 25.91 -22.65
CA PHE B 258 28.44 26.43 -23.99
C PHE B 258 27.26 27.39 -24.03
N LEU B 259 26.18 27.07 -23.31
CA LEU B 259 25.03 27.96 -23.26
C LEU B 259 25.41 29.31 -22.64
N LYS B 260 26.09 29.27 -21.49
CA LYS B 260 26.54 30.51 -20.87
C LYS B 260 27.52 31.26 -21.77
N LEU B 261 28.29 30.53 -22.57
CA LEU B 261 29.30 31.16 -23.42
C LEU B 261 28.68 31.79 -24.66
N VAL B 262 27.55 31.26 -25.14
CA VAL B 262 26.83 31.82 -26.27
C VAL B 262 25.71 32.75 -25.85
N GLU B 263 25.49 32.90 -24.54
CA GLU B 263 24.46 33.80 -24.02
C GLU B 263 24.53 35.23 -24.58
N PRO B 264 25.69 35.89 -24.65
CA PRO B 264 25.70 37.31 -25.05
C PRO B 264 25.29 37.57 -26.48
N PHE B 265 25.14 36.54 -27.32
CA PHE B 265 24.60 36.76 -28.65
C PHE B 265 23.09 36.90 -28.65
N GLY B 266 22.41 36.36 -27.63
CA GLY B 266 20.97 36.45 -27.55
C GLY B 266 20.28 35.14 -27.89
N VAL B 267 20.15 34.26 -26.90
CA VAL B 267 19.49 32.98 -27.10
C VAL B 267 17.98 33.22 -27.14
N LEU B 268 17.37 33.00 -28.31
CA LEU B 268 15.94 33.23 -28.45
C LEU B 268 15.13 32.13 -27.79
N GLU B 269 15.58 30.88 -27.92
CA GLU B 269 14.96 29.73 -27.28
C GLU B 269 15.93 28.57 -27.36
N CYS B 270 15.93 27.75 -26.32
CA CYS B 270 16.79 26.58 -26.28
C CYS B 270 16.02 25.40 -25.70
N ALA B 271 16.55 24.21 -25.96
CA ALA B 271 15.91 22.97 -25.52
C ALA B 271 17.00 21.95 -25.26
N ARG B 272 17.42 21.85 -24.00
CA ARG B 272 18.39 20.84 -23.60
C ARG B 272 17.66 19.61 -23.07
N SER B 273 18.21 18.44 -23.36
CA SER B 273 17.54 17.17 -23.11
C SER B 273 17.51 16.79 -21.65
N GLY B 274 18.27 17.47 -20.82
CA GLY B 274 18.59 16.94 -19.52
C GLY B 274 19.57 15.80 -19.65
N MET B 275 20.25 15.51 -18.54
CA MET B 275 21.31 14.51 -18.54
C MET B 275 20.80 13.14 -18.91
N MET B 276 21.52 12.50 -19.83
CA MET B 276 21.30 11.13 -20.21
C MET B 276 22.59 10.37 -19.95
N ALA B 277 22.47 9.10 -19.58
CA ALA B 277 23.64 8.35 -19.16
C ALA B 277 23.51 6.90 -19.59
N LEU B 278 24.68 6.27 -19.73
CA LEU B 278 24.85 4.88 -20.08
C LEU B 278 26.10 4.44 -19.33
N PRO B 279 26.07 3.33 -18.60
CA PRO B 279 27.23 2.93 -17.82
C PRO B 279 28.38 2.50 -18.70
N ARG B 280 29.59 2.79 -18.25
CA ARG B 280 30.81 2.43 -18.94
C ARG B 280 31.52 1.32 -18.18
N THR B 281 32.32 0.54 -18.92
CA THR B 281 33.11 -0.54 -18.35
C THR B 281 34.51 -0.09 -17.96
N PRO B 282 34.79 1.21 -18.00
CA PRO B 282 36.10 1.73 -17.65
C PRO B 282 36.18 2.08 -16.16
#